data_5UYO
#
_entry.id   5UYO
#
_entity_poly.entity_id   1
_entity_poly.type   'polypeptide(L)'
_entity_poly.pdbx_seq_one_letter_code
;MGSSHHHHHHSSGLVPRGSHMDVEEQIRRLEEVLKKNQPVTWNGTTYTDPNEIKKVIEELRKSM
;
_entity_poly.pdbx_strand_id   A
#
# COMPACT_ATOMS: atom_id res chain seq x y z
N HIS A 20 1.48 8.02 14.62
CA HIS A 20 0.71 8.25 13.37
C HIS A 20 1.53 9.07 12.37
N MET A 21 2.84 9.08 12.56
CA MET A 21 3.84 9.44 11.53
C MET A 21 4.66 8.19 11.19
N ASP A 22 4.03 7.01 11.42
CA ASP A 22 4.65 5.70 11.17
C ASP A 22 4.36 5.27 9.74
N VAL A 23 5.34 4.65 9.12
CA VAL A 23 5.24 4.11 7.77
C VAL A 23 4.77 2.64 7.82
N GLU A 24 5.15 1.94 8.91
CA GLU A 24 4.84 0.51 9.11
C GLU A 24 3.31 0.23 9.13
N GLU A 25 2.54 1.20 9.65
CA GLU A 25 1.05 1.11 9.69
C GLU A 25 0.45 1.22 8.28
N GLN A 26 1.11 2.03 7.43
CA GLN A 26 0.70 2.29 6.03
C GLN A 26 1.03 1.08 5.15
N ILE A 27 2.23 0.51 5.40
CA ILE A 27 2.73 -0.68 4.70
C ILE A 27 1.82 -1.88 5.00
N ARG A 28 1.56 -2.15 6.29
CA ARG A 28 0.74 -3.31 6.72
C ARG A 28 -0.72 -3.17 6.26
N ARG A 29 -1.18 -1.91 6.11
CA ARG A 29 -2.53 -1.59 5.60
C ARG A 29 -2.66 -2.08 4.15
N LEU A 30 -1.60 -1.83 3.36
CA LEU A 30 -1.51 -2.25 1.96
C LEU A 30 -1.10 -3.72 1.83
N GLU A 31 -0.44 -4.28 2.87
CA GLU A 31 -0.06 -5.71 2.94
C GLU A 31 -1.33 -6.57 3.09
N GLU A 32 -2.30 -6.04 3.85
CA GLU A 32 -3.63 -6.67 4.02
C GLU A 32 -4.32 -6.82 2.66
N VAL A 33 -4.24 -5.75 1.86
CA VAL A 33 -4.87 -5.68 0.54
C VAL A 33 -4.08 -6.50 -0.51
N LEU A 34 -2.74 -6.49 -0.35
CA LEU A 34 -1.79 -7.16 -1.28
C LEU A 34 -1.96 -8.69 -1.18
N LYS A 35 -2.05 -9.19 0.05
CA LYS A 35 -2.19 -10.61 0.35
C LYS A 35 -3.50 -11.14 -0.27
N LYS A 36 -4.58 -10.37 -0.09
CA LYS A 36 -5.93 -10.76 -0.56
C LYS A 36 -6.12 -10.49 -2.08
N ASN A 37 -5.31 -9.58 -2.65
CA ASN A 37 -5.43 -9.11 -4.05
C ASN A 37 -6.82 -8.45 -4.27
N GLN A 38 -7.00 -7.23 -3.74
CA GLN A 38 -8.27 -6.46 -3.84
C GLN A 38 -7.97 -5.01 -4.26
N PRO A 39 -8.94 -4.26 -4.90
CA PRO A 39 -8.76 -2.82 -5.23
C PRO A 39 -8.83 -1.92 -3.98
N VAL A 40 -7.81 -1.07 -3.76
CA VAL A 40 -7.74 -0.14 -2.61
C VAL A 40 -7.58 1.31 -3.09
N THR A 41 -8.32 2.24 -2.44
CA THR A 41 -8.17 3.68 -2.66
C THR A 41 -7.16 4.23 -1.63
N TRP A 42 -6.05 4.79 -2.13
CA TRP A 42 -4.95 5.32 -1.31
C TRP A 42 -5.12 6.84 -1.03
N ASN A 43 -6.37 7.34 -1.21
CA ASN A 43 -6.75 8.75 -0.97
C ASN A 43 -6.10 9.65 -2.06
N GLY A 44 -6.38 9.29 -3.32
CA GLY A 44 -5.85 10.00 -4.49
C GLY A 44 -5.95 9.16 -5.75
N THR A 45 -5.68 7.85 -5.62
CA THR A 45 -5.78 6.88 -6.74
C THR A 45 -6.20 5.50 -6.17
N THR A 46 -7.16 4.85 -6.86
CA THR A 46 -7.63 3.50 -6.52
C THR A 46 -6.78 2.46 -7.29
N TYR A 47 -5.77 1.92 -6.61
CA TYR A 47 -4.87 0.88 -7.17
C TYR A 47 -5.60 -0.47 -7.16
N THR A 48 -6.08 -0.89 -8.35
CA THR A 48 -6.87 -2.11 -8.51
C THR A 48 -5.95 -3.35 -8.45
N ASP A 49 -4.91 -3.34 -9.29
CA ASP A 49 -3.91 -4.42 -9.39
C ASP A 49 -3.00 -4.45 -8.15
N PRO A 50 -2.75 -5.65 -7.54
CA PRO A 50 -1.81 -5.79 -6.40
C PRO A 50 -0.36 -5.42 -6.79
N ASN A 51 -0.09 -5.36 -8.10
CA ASN A 51 1.18 -4.85 -8.66
C ASN A 51 1.34 -3.34 -8.35
N GLU A 52 0.25 -2.60 -8.59
CA GLU A 52 0.20 -1.14 -8.37
C GLU A 52 0.14 -0.82 -6.86
N ILE A 53 -0.51 -1.70 -6.09
CA ILE A 53 -0.59 -1.59 -4.63
C ILE A 53 0.80 -1.78 -4.00
N LYS A 54 1.50 -2.83 -4.46
CA LYS A 54 2.84 -3.18 -3.96
C LYS A 54 3.86 -2.09 -4.35
N LYS A 55 3.62 -1.44 -5.51
CA LYS A 55 4.44 -0.31 -5.97
C LYS A 55 4.41 0.85 -4.94
N VAL A 56 3.22 1.09 -4.37
CA VAL A 56 3.03 2.11 -3.30
C VAL A 56 3.76 1.68 -2.02
N ILE A 57 3.69 0.37 -1.71
CA ILE A 57 4.41 -0.24 -0.56
C ILE A 57 5.93 -0.02 -0.72
N GLU A 58 6.42 -0.10 -1.97
CA GLU A 58 7.84 0.13 -2.32
C GLU A 58 8.22 1.61 -2.13
N GLU A 59 7.28 2.53 -2.42
CA GLU A 59 7.48 3.98 -2.21
C GLU A 59 7.59 4.30 -0.71
N LEU A 60 6.76 3.61 0.08
CA LEU A 60 6.74 3.71 1.56
C LEU A 60 7.98 3.01 2.17
N ARG A 61 8.44 1.96 1.48
CA ARG A 61 9.60 1.15 1.87
C ARG A 61 10.88 1.98 1.83
N LYS A 62 10.92 2.96 0.90
CA LYS A 62 12.04 3.90 0.74
C LYS A 62 12.17 4.88 1.92
N SER A 63 11.11 4.97 2.75
CA SER A 63 11.11 5.80 3.97
C SER A 63 11.91 5.13 5.10
N MET A 64 11.89 3.77 5.15
CA MET A 64 12.61 3.00 6.19
C MET A 64 14.00 2.57 5.65
N HIS A 20 4.19 13.22 10.36
CA HIS A 20 4.72 12.29 11.37
C HIS A 20 3.63 11.29 11.78
N MET A 21 3.80 10.04 11.33
CA MET A 21 2.91 8.90 11.69
C MET A 21 3.65 7.58 11.39
N ASP A 22 3.21 6.48 12.03
CA ASP A 22 3.82 5.15 11.84
C ASP A 22 3.51 4.59 10.46
N VAL A 23 4.52 4.64 9.59
CA VAL A 23 4.46 4.14 8.21
C VAL A 23 4.51 2.60 8.20
N GLU A 24 5.12 2.02 9.26
CA GLU A 24 5.19 0.55 9.48
C GLU A 24 3.79 -0.11 9.39
N GLU A 25 2.81 0.55 10.05
CA GLU A 25 1.41 0.09 10.09
C GLU A 25 0.73 0.25 8.71
N GLN A 26 1.11 1.31 7.98
CA GLN A 26 0.57 1.63 6.64
C GLN A 26 1.07 0.63 5.60
N ILE A 27 2.33 0.17 5.77
CA ILE A 27 2.93 -0.86 4.90
C ILE A 27 2.13 -2.17 5.04
N ARG A 28 1.92 -2.60 6.30
CA ARG A 28 1.21 -3.86 6.63
C ARG A 28 -0.28 -3.75 6.24
N ARG A 29 -0.82 -2.53 6.28
CA ARG A 29 -2.21 -2.23 5.92
C ARG A 29 -2.43 -2.44 4.41
N LEU A 30 -1.36 -2.20 3.63
CA LEU A 30 -1.35 -2.47 2.19
C LEU A 30 -0.78 -3.86 1.85
N GLU A 31 -0.06 -4.50 2.81
CA GLU A 31 0.49 -5.87 2.65
C GLU A 31 -0.65 -6.90 2.69
N GLU A 32 -1.66 -6.65 3.53
CA GLU A 32 -2.85 -7.50 3.59
C GLU A 32 -3.67 -7.35 2.29
N VAL A 33 -3.90 -6.10 1.85
CA VAL A 33 -4.69 -5.77 0.64
C VAL A 33 -3.95 -6.20 -0.64
N LEU A 34 -2.61 -6.23 -0.56
CA LEU A 34 -1.70 -6.75 -1.61
C LEU A 34 -2.10 -8.20 -1.99
N LYS A 35 -2.26 -9.01 -0.95
CA LYS A 35 -2.59 -10.44 -1.05
C LYS A 35 -4.10 -10.63 -1.32
N LYS A 36 -4.92 -9.78 -0.68
CA LYS A 36 -6.40 -9.80 -0.79
C LYS A 36 -6.86 -9.35 -2.19
N ASN A 37 -5.98 -8.59 -2.89
CA ASN A 37 -6.23 -8.05 -4.25
C ASN A 37 -7.48 -7.14 -4.27
N GLN A 38 -7.72 -6.43 -3.16
CA GLN A 38 -8.92 -5.57 -3.01
C GLN A 38 -8.68 -4.17 -3.61
N PRO A 39 -9.73 -3.53 -4.19
CA PRO A 39 -9.66 -2.13 -4.67
C PRO A 39 -9.45 -1.13 -3.50
N VAL A 40 -8.18 -0.70 -3.28
CA VAL A 40 -7.84 0.25 -2.21
C VAL A 40 -7.65 1.65 -2.81
N THR A 41 -8.49 2.58 -2.35
CA THR A 41 -8.46 3.99 -2.76
C THR A 41 -7.49 4.75 -1.86
N TRP A 42 -6.31 5.10 -2.41
CA TRP A 42 -5.23 5.75 -1.67
C TRP A 42 -5.32 7.30 -1.80
N ASN A 43 -6.51 7.80 -2.21
CA ASN A 43 -6.83 9.24 -2.35
C ASN A 43 -6.08 9.85 -3.56
N GLY A 44 -6.31 9.23 -4.74
CA GLY A 44 -5.68 9.67 -5.98
C GLY A 44 -5.74 8.60 -7.05
N THR A 45 -5.58 7.34 -6.62
CA THR A 45 -5.73 6.15 -7.47
C THR A 45 -6.29 4.97 -6.63
N THR A 46 -7.23 4.22 -7.22
CA THR A 46 -7.74 2.98 -6.64
C THR A 46 -6.90 1.80 -7.16
N TYR A 47 -5.93 1.36 -6.34
CA TYR A 47 -5.02 0.26 -6.65
C TYR A 47 -5.72 -1.08 -6.41
N THR A 48 -6.18 -1.71 -7.50
CA THR A 48 -6.85 -3.01 -7.49
C THR A 48 -5.82 -4.14 -7.66
N ASP A 49 -4.86 -3.90 -8.57
CA ASP A 49 -3.83 -4.86 -8.97
C ASP A 49 -2.74 -4.97 -7.87
N PRO A 50 -2.28 -6.21 -7.51
CA PRO A 50 -1.22 -6.44 -6.48
C PRO A 50 0.08 -5.62 -6.73
N ASN A 51 0.57 -5.58 -7.99
CA ASN A 51 1.82 -4.87 -8.35
C ASN A 51 1.63 -3.35 -8.19
N GLU A 52 0.41 -2.86 -8.47
CA GLU A 52 0.05 -1.43 -8.33
C GLU A 52 -0.01 -1.02 -6.84
N ILE A 53 -0.50 -1.93 -5.99
CA ILE A 53 -0.52 -1.75 -4.52
C ILE A 53 0.94 -1.77 -3.98
N LYS A 54 1.74 -2.70 -4.55
CA LYS A 54 3.14 -2.93 -4.15
C LYS A 54 4.01 -1.69 -4.42
N LYS A 55 3.68 -0.97 -5.53
CA LYS A 55 4.36 0.28 -5.90
C LYS A 55 4.26 1.34 -4.78
N VAL A 56 3.07 1.44 -4.17
CA VAL A 56 2.82 2.37 -3.06
C VAL A 56 3.65 1.97 -1.84
N ILE A 57 3.76 0.66 -1.61
CA ILE A 57 4.54 0.08 -0.51
C ILE A 57 6.07 0.34 -0.72
N GLU A 58 6.49 0.46 -2.00
CA GLU A 58 7.87 0.81 -2.37
C GLU A 58 8.15 2.31 -2.11
N GLU A 59 7.08 3.12 -2.12
CA GLU A 59 7.14 4.55 -1.72
C GLU A 59 7.17 4.67 -0.18
N LEU A 60 6.50 3.72 0.51
CA LEU A 60 6.41 3.69 1.98
C LEU A 60 7.76 3.27 2.62
N ARG A 61 8.42 2.26 2.02
CA ARG A 61 9.76 1.81 2.46
C ARG A 61 10.81 2.90 2.19
N LYS A 62 10.53 3.72 1.16
CA LYS A 62 11.39 4.84 0.73
C LYS A 62 11.40 5.97 1.78
N SER A 63 10.35 6.02 2.62
CA SER A 63 10.25 6.97 3.74
C SER A 63 11.27 6.61 4.86
N MET A 64 11.77 5.36 4.81
CA MET A 64 12.87 4.88 5.66
C MET A 64 14.21 5.14 4.92
N HIS A 20 8.41 11.96 11.84
CA HIS A 20 8.62 10.50 11.72
C HIS A 20 7.32 9.77 12.10
N MET A 21 6.72 9.10 11.10
CA MET A 21 5.48 8.33 11.26
C MET A 21 5.77 6.83 11.06
N ASP A 22 5.03 5.98 11.79
CA ASP A 22 5.09 4.52 11.64
C ASP A 22 4.48 4.12 10.29
N VAL A 23 5.33 4.06 9.26
CA VAL A 23 4.96 3.66 7.90
C VAL A 23 4.76 2.13 7.86
N GLU A 24 5.25 1.43 8.91
CA GLU A 24 4.98 0.00 9.19
C GLU A 24 3.47 -0.29 9.11
N GLU A 25 2.66 0.63 9.65
CA GLU A 25 1.20 0.49 9.71
C GLU A 25 0.59 0.52 8.29
N GLN A 26 1.01 1.53 7.47
CA GLN A 26 0.46 1.73 6.11
C GLN A 26 0.87 0.58 5.18
N ILE A 27 2.15 0.19 5.25
CA ILE A 27 2.72 -0.90 4.43
C ILE A 27 2.05 -2.24 4.76
N ARG A 28 1.96 -2.56 6.07
CA ARG A 28 1.30 -3.80 6.56
C ARG A 28 -0.20 -3.79 6.19
N ARG A 29 -0.79 -2.58 6.17
CA ARG A 29 -2.19 -2.37 5.77
C ARG A 29 -2.36 -2.64 4.26
N LEU A 30 -1.29 -2.42 3.48
CA LEU A 30 -1.28 -2.71 2.02
C LEU A 30 -0.82 -4.16 1.74
N GLU A 31 -0.12 -4.76 2.72
CA GLU A 31 0.38 -6.15 2.65
C GLU A 31 -0.76 -7.16 2.84
N GLU A 32 -1.75 -6.77 3.68
CA GLU A 32 -2.98 -7.55 3.84
C GLU A 32 -3.88 -7.39 2.59
N VAL A 33 -3.99 -6.16 2.05
CA VAL A 33 -4.76 -5.87 0.81
C VAL A 33 -4.14 -6.58 -0.40
N LEU A 34 -2.80 -6.77 -0.35
CA LEU A 34 -2.04 -7.57 -1.33
C LEU A 34 -2.57 -9.02 -1.37
N LYS A 35 -2.67 -9.63 -0.18
CA LYS A 35 -3.07 -11.04 -0.03
C LYS A 35 -4.57 -11.23 -0.34
N LYS A 36 -5.38 -10.20 -0.04
CA LYS A 36 -6.83 -10.21 -0.33
C LYS A 36 -7.10 -9.87 -1.81
N ASN A 37 -6.11 -9.18 -2.44
CA ASN A 37 -6.12 -8.75 -3.86
C ASN A 37 -7.33 -7.85 -4.16
N GLN A 38 -7.49 -6.81 -3.33
CA GLN A 38 -8.64 -5.89 -3.38
C GLN A 38 -8.20 -4.48 -3.86
N PRO A 39 -9.11 -3.70 -4.54
CA PRO A 39 -8.83 -2.31 -4.95
C PRO A 39 -8.71 -1.36 -3.74
N VAL A 40 -7.50 -0.83 -3.48
CA VAL A 40 -7.27 0.08 -2.35
C VAL A 40 -7.23 1.52 -2.86
N THR A 41 -8.12 2.35 -2.32
CA THR A 41 -8.23 3.77 -2.66
C THR A 41 -7.28 4.56 -1.75
N TRP A 42 -6.24 5.13 -2.36
CA TRP A 42 -5.16 5.83 -1.62
C TRP A 42 -5.39 7.36 -1.63
N ASN A 43 -6.67 7.77 -1.90
CA ASN A 43 -7.12 9.18 -1.89
C ASN A 43 -6.46 10.00 -3.02
N GLY A 44 -6.61 9.47 -4.25
CA GLY A 44 -6.11 10.12 -5.46
C GLY A 44 -6.00 9.12 -6.59
N THR A 45 -5.57 7.90 -6.24
CA THR A 45 -5.48 6.76 -7.18
C THR A 45 -5.98 5.49 -6.46
N THR A 46 -6.94 4.80 -7.08
CA THR A 46 -7.45 3.50 -6.59
C THR A 46 -6.63 2.38 -7.23
N TYR A 47 -5.63 1.89 -6.49
CA TYR A 47 -4.73 0.81 -6.94
C TYR A 47 -5.46 -0.54 -6.85
N THR A 48 -6.06 -0.94 -7.99
CA THR A 48 -6.81 -2.19 -8.12
C THR A 48 -5.87 -3.40 -8.11
N ASP A 49 -4.79 -3.30 -8.90
CA ASP A 49 -3.83 -4.39 -9.13
C ASP A 49 -2.90 -4.55 -7.90
N PRO A 50 -2.67 -5.81 -7.41
CA PRO A 50 -1.79 -6.10 -6.23
C PRO A 50 -0.32 -5.64 -6.42
N ASN A 51 0.20 -5.66 -7.67
CA ASN A 51 1.60 -5.24 -7.97
C ASN A 51 1.72 -3.70 -7.96
N GLU A 52 0.61 -3.04 -8.35
CA GLU A 52 0.47 -1.57 -8.27
C GLU A 52 0.40 -1.12 -6.80
N ILE A 53 -0.18 -1.98 -5.93
CA ILE A 53 -0.23 -1.77 -4.47
C ILE A 53 1.20 -1.90 -3.88
N LYS A 54 1.99 -2.86 -4.42
CA LYS A 54 3.40 -3.07 -4.03
C LYS A 54 4.27 -1.86 -4.35
N LYS A 55 3.93 -1.18 -5.46
CA LYS A 55 4.60 0.07 -5.88
C LYS A 55 4.36 1.18 -4.84
N VAL A 56 3.13 1.23 -4.28
CA VAL A 56 2.77 2.22 -3.23
C VAL A 56 3.62 1.97 -1.98
N ILE A 57 3.75 0.69 -1.61
CA ILE A 57 4.55 0.21 -0.46
C ILE A 57 6.01 0.67 -0.62
N GLU A 58 6.52 0.58 -1.85
CA GLU A 58 7.87 1.00 -2.21
C GLU A 58 8.03 2.53 -2.04
N GLU A 59 7.00 3.29 -2.47
CA GLU A 59 7.00 4.77 -2.37
C GLU A 59 6.83 5.24 -0.91
N LEU A 60 6.22 4.38 -0.07
CA LEU A 60 5.99 4.68 1.36
C LEU A 60 7.27 4.48 2.19
N ARG A 61 8.01 3.40 1.90
CA ARG A 61 9.24 3.03 2.65
C ARG A 61 10.41 4.00 2.35
N LYS A 62 10.25 4.86 1.31
CA LYS A 62 11.20 5.95 1.00
C LYS A 62 11.21 7.00 2.14
N SER A 63 10.10 7.06 2.92
CA SER A 63 9.91 8.01 4.03
C SER A 63 10.72 7.63 5.28
N MET A 64 11.27 6.39 5.31
CA MET A 64 12.04 5.87 6.46
C MET A 64 13.49 6.42 6.41
N HIS A 20 0.47 12.74 13.64
CA HIS A 20 1.11 11.48 14.05
C HIS A 20 0.34 10.27 13.47
N MET A 21 1.01 9.50 12.62
CA MET A 21 0.50 8.26 12.04
C MET A 21 1.70 7.38 11.62
N ASP A 22 1.81 6.20 12.23
CA ASP A 22 2.83 5.21 11.87
C ASP A 22 2.57 4.71 10.44
N VAL A 23 3.51 4.98 9.54
CA VAL A 23 3.37 4.61 8.12
C VAL A 23 3.53 3.08 7.99
N GLU A 24 4.21 2.47 8.97
CA GLU A 24 4.34 1.00 9.11
C GLU A 24 2.98 0.28 9.12
N GLU A 25 1.97 0.93 9.75
CA GLU A 25 0.59 0.41 9.79
C GLU A 25 0.02 0.36 8.36
N GLN A 26 0.22 1.46 7.63
CA GLN A 26 -0.25 1.61 6.23
C GLN A 26 0.47 0.58 5.32
N ILE A 27 1.79 0.40 5.52
CA ILE A 27 2.62 -0.54 4.73
C ILE A 27 2.10 -1.97 4.92
N ARG A 28 1.93 -2.35 6.20
CA ARG A 28 1.52 -3.70 6.60
C ARG A 28 0.09 -4.00 6.13
N ARG A 29 -0.77 -2.96 6.12
CA ARG A 29 -2.18 -3.10 5.70
C ARG A 29 -2.34 -3.05 4.19
N LEU A 30 -1.36 -2.48 3.48
CA LEU A 30 -1.31 -2.54 1.99
C LEU A 30 -0.76 -3.91 1.56
N GLU A 31 0.11 -4.48 2.41
CA GLU A 31 0.58 -5.87 2.29
C GLU A 31 -0.61 -6.83 2.52
N GLU A 32 -1.49 -6.50 3.49
CA GLU A 32 -2.74 -7.25 3.75
C GLU A 32 -3.75 -7.09 2.59
N VAL A 33 -3.78 -5.89 1.97
CA VAL A 33 -4.60 -5.61 0.77
C VAL A 33 -4.08 -6.43 -0.42
N LEU A 34 -2.76 -6.63 -0.48
CA LEU A 34 -2.11 -7.46 -1.51
C LEU A 34 -2.49 -8.95 -1.34
N LYS A 35 -2.35 -9.43 -0.09
CA LYS A 35 -2.61 -10.83 0.30
C LYS A 35 -4.09 -11.21 0.11
N LYS A 36 -4.98 -10.27 0.47
CA LYS A 36 -6.43 -10.43 0.33
C LYS A 36 -6.88 -10.11 -1.12
N ASN A 37 -6.04 -9.34 -1.84
CA ASN A 37 -6.28 -8.87 -3.22
C ASN A 37 -7.54 -7.97 -3.26
N GLN A 38 -7.35 -6.69 -2.88
CA GLN A 38 -8.45 -5.72 -2.70
C GLN A 38 -8.18 -4.40 -3.47
N PRO A 39 -9.25 -3.72 -3.98
CA PRO A 39 -9.18 -2.30 -4.42
C PRO A 39 -8.96 -1.37 -3.22
N VAL A 40 -7.77 -0.75 -3.12
CA VAL A 40 -7.47 0.23 -2.05
C VAL A 40 -7.44 1.66 -2.63
N THR A 41 -8.30 2.54 -2.10
CA THR A 41 -8.35 3.95 -2.50
C THR A 41 -7.36 4.74 -1.63
N TRP A 42 -6.24 5.14 -2.23
CA TRP A 42 -5.11 5.77 -1.53
C TRP A 42 -5.19 7.32 -1.59
N ASN A 43 -6.40 7.85 -1.94
CA ASN A 43 -6.67 9.31 -2.02
C ASN A 43 -5.88 9.92 -3.20
N GLY A 44 -6.14 9.38 -4.39
CA GLY A 44 -5.48 9.81 -5.63
C GLY A 44 -5.64 8.76 -6.71
N THR A 45 -5.56 7.48 -6.30
CA THR A 45 -5.81 6.32 -7.19
C THR A 45 -6.29 5.13 -6.36
N THR A 46 -7.34 4.43 -6.84
CA THR A 46 -7.80 3.16 -6.29
C THR A 46 -6.98 2.02 -6.92
N TYR A 47 -5.92 1.61 -6.21
CA TYR A 47 -5.02 0.53 -6.66
C TYR A 47 -5.71 -0.84 -6.54
N THR A 48 -6.27 -1.27 -7.68
CA THR A 48 -6.87 -2.60 -7.84
C THR A 48 -5.81 -3.61 -8.27
N ASP A 49 -4.91 -3.15 -9.17
CA ASP A 49 -3.83 -3.96 -9.75
C ASP A 49 -2.79 -4.32 -8.67
N PRO A 50 -2.39 -5.64 -8.55
CA PRO A 50 -1.39 -6.10 -7.55
C PRO A 50 -0.05 -5.35 -7.65
N ASN A 51 0.43 -5.11 -8.89
CA ASN A 51 1.74 -4.45 -9.14
C ASN A 51 1.68 -2.97 -8.73
N GLU A 52 0.55 -2.31 -9.04
CA GLU A 52 0.32 -0.89 -8.69
C GLU A 52 0.18 -0.70 -7.15
N ILE A 53 -0.32 -1.75 -6.46
CA ILE A 53 -0.32 -1.79 -4.98
C ILE A 53 1.13 -1.88 -4.47
N LYS A 54 1.92 -2.80 -5.09
CA LYS A 54 3.34 -3.05 -4.73
C LYS A 54 4.15 -1.74 -4.75
N LYS A 55 3.96 -0.97 -5.84
CA LYS A 55 4.71 0.27 -6.10
C LYS A 55 4.63 1.24 -4.91
N VAL A 56 3.41 1.54 -4.44
CA VAL A 56 3.21 2.52 -3.36
C VAL A 56 3.70 1.99 -2.00
N ILE A 57 3.65 0.65 -1.81
CA ILE A 57 4.21 0.00 -0.59
C ILE A 57 5.73 0.22 -0.54
N GLU A 58 6.38 0.06 -1.71
CA GLU A 58 7.84 0.21 -1.86
C GLU A 58 8.29 1.67 -1.63
N GLU A 59 7.41 2.62 -2.02
CA GLU A 59 7.60 4.06 -1.78
C GLU A 59 7.55 4.37 -0.27
N LEU A 60 6.57 3.75 0.41
CA LEU A 60 6.34 3.95 1.86
C LEU A 60 7.41 3.24 2.71
N ARG A 61 7.86 2.05 2.26
CA ARG A 61 8.72 1.16 3.06
C ARG A 61 10.14 1.72 3.21
N LYS A 62 10.54 2.61 2.28
CA LYS A 62 11.86 3.25 2.31
C LYS A 62 11.98 4.21 3.54
N SER A 63 10.82 4.61 4.10
CA SER A 63 10.75 5.40 5.35
C SER A 63 11.34 4.62 6.54
N MET A 64 11.40 3.27 6.42
CA MET A 64 12.01 2.38 7.43
C MET A 64 13.18 1.62 6.77
N HIS A 20 3.57 11.74 15.66
CA HIS A 20 4.03 10.35 15.42
C HIS A 20 3.00 9.63 14.53
N MET A 21 3.13 9.83 13.20
CA MET A 21 2.27 9.20 12.19
C MET A 21 3.05 8.11 11.47
N ASP A 22 2.88 6.85 11.95
CA ASP A 22 3.62 5.69 11.42
C ASP A 22 3.25 5.40 9.96
N VAL A 23 4.27 5.37 9.10
CA VAL A 23 4.12 4.96 7.70
C VAL A 23 3.94 3.43 7.66
N GLU A 24 4.59 2.75 8.62
CA GLU A 24 4.60 1.28 8.77
C GLU A 24 3.18 0.69 8.86
N GLU A 25 2.29 1.35 9.63
CA GLU A 25 0.90 0.87 9.82
C GLU A 25 0.12 0.87 8.49
N GLN A 26 0.30 1.95 7.71
CA GLN A 26 -0.32 2.10 6.37
C GLN A 26 0.20 1.01 5.41
N ILE A 27 1.51 0.75 5.49
CA ILE A 27 2.18 -0.30 4.69
C ILE A 27 1.57 -1.68 4.98
N ARG A 28 1.39 -1.99 6.29
CA ARG A 28 0.83 -3.29 6.75
C ARG A 28 -0.60 -3.51 6.23
N ARG A 29 -1.35 -2.41 6.13
CA ARG A 29 -2.74 -2.41 5.63
C ARG A 29 -2.78 -2.62 4.11
N LEU A 30 -1.75 -2.12 3.40
CA LEU A 30 -1.63 -2.30 1.93
C LEU A 30 -1.10 -3.70 1.57
N GLU A 31 -0.26 -4.28 2.47
CA GLU A 31 0.35 -5.61 2.25
C GLU A 31 -0.71 -6.72 2.35
N GLU A 32 -1.63 -6.58 3.32
CA GLU A 32 -2.75 -7.54 3.49
C GLU A 32 -3.78 -7.39 2.35
N VAL A 33 -3.89 -6.15 1.82
CA VAL A 33 -4.73 -5.84 0.64
C VAL A 33 -4.14 -6.48 -0.64
N LEU A 34 -2.80 -6.50 -0.73
CA LEU A 34 -2.07 -7.10 -1.86
C LEU A 34 -2.34 -8.62 -1.88
N LYS A 35 -2.17 -9.22 -0.70
CA LYS A 35 -2.35 -10.66 -0.45
C LYS A 35 -3.80 -11.13 -0.73
N LYS A 36 -4.78 -10.37 -0.21
CA LYS A 36 -6.22 -10.70 -0.39
C LYS A 36 -6.76 -10.21 -1.74
N ASN A 37 -5.97 -9.37 -2.44
CA ASN A 37 -6.32 -8.78 -3.74
C ASN A 37 -7.58 -7.90 -3.61
N GLN A 38 -7.41 -6.70 -3.05
CA GLN A 38 -8.51 -5.75 -2.78
C GLN A 38 -8.25 -4.41 -3.51
N PRO A 39 -9.31 -3.72 -4.06
CA PRO A 39 -9.19 -2.37 -4.65
C PRO A 39 -9.02 -1.31 -3.55
N VAL A 40 -7.77 -0.85 -3.32
CA VAL A 40 -7.45 0.12 -2.26
C VAL A 40 -7.18 1.52 -2.85
N THR A 41 -7.87 2.53 -2.31
CA THR A 41 -7.54 3.93 -2.59
C THR A 41 -6.57 4.42 -1.51
N TRP A 42 -5.38 4.85 -1.95
CA TRP A 42 -4.33 5.40 -1.06
C TRP A 42 -4.55 6.93 -0.84
N ASN A 43 -5.82 7.40 -1.06
CA ASN A 43 -6.25 8.80 -0.88
C ASN A 43 -5.82 9.65 -2.09
N GLY A 44 -6.26 9.19 -3.28
CA GLY A 44 -6.03 9.90 -4.54
C GLY A 44 -6.02 9.00 -5.77
N THR A 45 -5.59 7.74 -5.58
CA THR A 45 -5.49 6.74 -6.67
C THR A 45 -5.87 5.35 -6.12
N THR A 46 -6.73 4.63 -6.86
CA THR A 46 -7.20 3.29 -6.48
C THR A 46 -6.32 2.20 -7.13
N TYR A 47 -5.40 1.65 -6.34
CA TYR A 47 -4.54 0.54 -6.72
C TYR A 47 -5.33 -0.78 -6.59
N THR A 48 -5.84 -1.25 -7.73
CA THR A 48 -6.66 -2.48 -7.84
C THR A 48 -5.77 -3.72 -8.11
N ASP A 49 -4.77 -3.52 -8.97
CA ASP A 49 -3.83 -4.59 -9.38
C ASP A 49 -2.79 -4.82 -8.25
N PRO A 50 -2.49 -6.12 -7.87
CA PRO A 50 -1.54 -6.46 -6.77
C PRO A 50 -0.12 -5.84 -6.94
N ASN A 51 0.34 -5.75 -8.20
CA ASN A 51 1.70 -5.24 -8.51
C ASN A 51 1.73 -3.71 -8.42
N GLU A 52 0.59 -3.09 -8.75
CA GLU A 52 0.37 -1.63 -8.60
C GLU A 52 0.26 -1.26 -7.11
N ILE A 53 -0.33 -2.16 -6.29
CA ILE A 53 -0.39 -2.01 -4.82
C ILE A 53 1.03 -2.08 -4.24
N LYS A 54 1.83 -3.04 -4.74
CA LYS A 54 3.24 -3.24 -4.33
C LYS A 54 4.08 -1.97 -4.61
N LYS A 55 3.78 -1.33 -5.75
CA LYS A 55 4.49 -0.12 -6.22
C LYS A 55 4.34 1.05 -5.22
N VAL A 56 3.12 1.24 -4.68
CA VAL A 56 2.84 2.34 -3.74
C VAL A 56 3.33 1.99 -2.32
N ILE A 57 3.32 0.68 -1.98
CA ILE A 57 3.97 0.16 -0.74
C ILE A 57 5.48 0.47 -0.77
N GLU A 58 6.06 0.37 -1.97
CA GLU A 58 7.51 0.50 -2.19
C GLU A 58 7.97 1.96 -2.01
N GLU A 59 7.09 2.93 -2.35
CA GLU A 59 7.35 4.37 -2.13
C GLU A 59 7.32 4.73 -0.63
N LEU A 60 6.51 3.96 0.12
CA LEU A 60 6.40 4.07 1.58
C LEU A 60 7.58 3.35 2.28
N ARG A 61 8.07 2.25 1.66
CA ARG A 61 9.26 1.52 2.14
C ARG A 61 10.54 2.33 1.81
N LYS A 62 10.44 3.15 0.76
CA LYS A 62 11.48 4.11 0.35
C LYS A 62 11.63 5.24 1.40
N SER A 63 10.53 5.49 2.17
CA SER A 63 10.52 6.49 3.25
C SER A 63 11.37 6.03 4.46
N MET A 64 11.75 4.74 4.47
CA MET A 64 12.67 4.17 5.46
C MET A 64 14.12 4.24 4.91
N HIS A 20 3.55 10.29 16.38
CA HIS A 20 4.32 10.44 15.11
C HIS A 20 3.58 9.72 13.96
N MET A 21 3.58 10.32 12.76
CA MET A 21 3.01 9.72 11.55
C MET A 21 3.95 8.63 11.02
N ASP A 22 3.73 7.38 11.47
CA ASP A 22 4.58 6.24 11.09
C ASP A 22 4.00 5.54 9.85
N VAL A 23 4.80 5.54 8.78
CA VAL A 23 4.40 5.03 7.47
C VAL A 23 4.48 3.47 7.42
N GLU A 24 5.21 2.88 8.37
CA GLU A 24 5.29 1.40 8.57
C GLU A 24 3.89 0.76 8.69
N GLU A 25 2.98 1.48 9.36
CA GLU A 25 1.60 1.04 9.61
C GLU A 25 0.82 0.98 8.29
N GLN A 26 1.08 1.99 7.44
CA GLN A 26 0.46 2.14 6.12
C GLN A 26 0.87 0.99 5.20
N ILE A 27 2.17 0.61 5.29
CA ILE A 27 2.74 -0.52 4.52
C ILE A 27 1.95 -1.81 4.80
N ARG A 28 1.81 -2.12 6.10
CA ARG A 28 1.29 -3.42 6.56
C ARG A 28 -0.21 -3.60 6.27
N ARG A 29 -0.98 -2.50 6.37
CA ARG A 29 -2.42 -2.54 6.08
C ARG A 29 -2.68 -2.66 4.57
N LEU A 30 -1.71 -2.18 3.75
CA LEU A 30 -1.73 -2.36 2.30
C LEU A 30 -1.24 -3.79 1.92
N GLU A 31 -0.33 -4.37 2.73
CA GLU A 31 0.24 -5.73 2.48
C GLU A 31 -0.85 -6.81 2.53
N GLU A 32 -1.80 -6.67 3.48
CA GLU A 32 -2.95 -7.58 3.61
C GLU A 32 -3.85 -7.50 2.36
N VAL A 33 -4.20 -6.25 2.02
CA VAL A 33 -5.05 -5.89 0.88
C VAL A 33 -4.44 -6.36 -0.47
N LEU A 34 -3.10 -6.35 -0.52
CA LEU A 34 -2.30 -6.75 -1.69
C LEU A 34 -2.55 -8.23 -2.00
N LYS A 35 -2.38 -9.08 -0.97
CA LYS A 35 -2.56 -10.54 -1.09
C LYS A 35 -4.03 -10.92 -1.34
N LYS A 36 -4.94 -10.07 -0.87
CA LYS A 36 -6.38 -10.21 -1.09
C LYS A 36 -6.78 -9.73 -2.51
N ASN A 37 -5.89 -8.93 -3.14
CA ASN A 37 -6.09 -8.34 -4.50
C ASN A 37 -7.26 -7.34 -4.49
N GLN A 38 -7.57 -6.81 -3.29
CA GLN A 38 -8.65 -5.84 -3.10
C GLN A 38 -8.23 -4.46 -3.66
N PRO A 39 -9.10 -3.80 -4.49
CA PRO A 39 -8.87 -2.41 -4.92
C PRO A 39 -8.87 -1.46 -3.72
N VAL A 40 -7.69 -0.88 -3.40
CA VAL A 40 -7.53 0.05 -2.28
C VAL A 40 -7.50 1.48 -2.80
N THR A 41 -8.46 2.27 -2.33
CA THR A 41 -8.58 3.68 -2.65
C THR A 41 -7.71 4.47 -1.65
N TRP A 42 -6.55 4.96 -2.11
CA TRP A 42 -5.58 5.68 -1.26
C TRP A 42 -5.85 7.21 -1.31
N ASN A 43 -7.08 7.59 -1.77
CA ASN A 43 -7.59 8.97 -1.77
C ASN A 43 -6.82 9.83 -2.80
N GLY A 44 -6.86 9.35 -4.04
CA GLY A 44 -6.17 9.96 -5.17
C GLY A 44 -6.09 9.01 -6.35
N THR A 45 -5.89 7.72 -6.04
CA THR A 45 -5.92 6.61 -7.02
C THR A 45 -6.33 5.31 -6.29
N THR A 46 -7.19 4.51 -6.94
CA THR A 46 -7.58 3.18 -6.46
C THR A 46 -6.63 2.11 -7.06
N TYR A 47 -5.67 1.66 -6.25
CA TYR A 47 -4.69 0.63 -6.63
C TYR A 47 -5.36 -0.75 -6.57
N THR A 48 -5.71 -1.25 -7.77
CA THR A 48 -6.56 -2.44 -7.95
C THR A 48 -5.72 -3.73 -7.96
N ASP A 49 -4.71 -3.77 -8.87
CA ASP A 49 -3.80 -4.93 -9.02
C ASP A 49 -2.80 -4.94 -7.84
N PRO A 50 -2.41 -6.17 -7.32
CA PRO A 50 -1.42 -6.31 -6.23
C PRO A 50 -0.05 -5.65 -6.57
N ASN A 51 0.23 -5.50 -7.87
CA ASN A 51 1.46 -4.85 -8.38
C ASN A 51 1.43 -3.34 -8.10
N GLU A 52 0.24 -2.72 -8.26
CA GLU A 52 0.04 -1.27 -8.04
C GLU A 52 0.19 -0.97 -6.54
N ILE A 53 -0.35 -1.87 -5.72
CA ILE A 53 -0.30 -1.80 -4.27
C ILE A 53 1.16 -1.98 -3.78
N LYS A 54 1.90 -2.92 -4.40
CA LYS A 54 3.31 -3.21 -4.05
C LYS A 54 4.22 -2.01 -4.40
N LYS A 55 3.89 -1.26 -5.47
CA LYS A 55 4.70 -0.11 -5.89
C LYS A 55 4.67 1.00 -4.84
N VAL A 56 3.46 1.38 -4.37
CA VAL A 56 3.30 2.39 -3.33
C VAL A 56 3.91 1.91 -2.01
N ILE A 57 3.74 0.60 -1.69
CA ILE A 57 4.37 -0.04 -0.51
C ILE A 57 5.90 0.09 -0.56
N GLU A 58 6.47 -0.11 -1.75
CA GLU A 58 7.93 -0.06 -1.98
C GLU A 58 8.49 1.33 -1.65
N GLU A 59 7.72 2.37 -2.04
CA GLU A 59 8.04 3.78 -1.76
C GLU A 59 7.86 4.10 -0.26
N LEU A 60 6.81 3.50 0.34
CA LEU A 60 6.53 3.65 1.78
C LEU A 60 7.62 2.94 2.63
N ARG A 61 8.21 1.88 2.08
CA ARG A 61 9.32 1.14 2.70
C ARG A 61 10.59 2.00 2.68
N LYS A 62 10.75 2.77 1.58
CA LYS A 62 11.83 3.78 1.44
C LYS A 62 11.58 4.99 2.36
N SER A 63 10.33 5.17 2.84
CA SER A 63 9.99 6.21 3.83
C SER A 63 10.39 5.79 5.26
N MET A 64 10.70 4.49 5.43
CA MET A 64 11.24 3.94 6.70
C MET A 64 12.78 4.12 6.71
N HIS A 20 0.78 12.13 9.80
CA HIS A 20 1.20 10.71 9.91
C HIS A 20 2.74 10.64 9.99
N MET A 21 3.25 10.65 11.23
CA MET A 21 4.71 10.62 11.51
C MET A 21 5.32 9.25 11.19
N ASP A 22 4.49 8.20 11.19
CA ASP A 22 4.86 6.85 10.72
C ASP A 22 4.11 6.55 9.42
N VAL A 23 4.75 5.76 8.56
CA VAL A 23 4.13 5.23 7.32
C VAL A 23 3.78 3.73 7.52
N GLU A 24 4.28 3.16 8.64
CA GLU A 24 4.20 1.72 8.95
C GLU A 24 2.77 1.17 8.85
N GLU A 25 1.81 1.84 9.50
CA GLU A 25 0.40 1.39 9.55
C GLU A 25 -0.25 1.35 8.15
N GLN A 26 0.16 2.31 7.30
CA GLN A 26 -0.28 2.38 5.90
C GLN A 26 0.24 1.16 5.13
N ILE A 27 1.56 0.89 5.28
CA ILE A 27 2.25 -0.27 4.63
C ILE A 27 1.56 -1.59 5.01
N ARG A 28 1.30 -1.76 6.31
CA ARG A 28 0.71 -2.99 6.88
C ARG A 28 -0.71 -3.24 6.34
N ARG A 29 -1.45 -2.15 6.11
CA ARG A 29 -2.81 -2.20 5.56
C ARG A 29 -2.77 -2.53 4.06
N LEU A 30 -1.69 -2.10 3.39
CA LEU A 30 -1.47 -2.34 1.96
C LEU A 30 -1.02 -3.80 1.73
N GLU A 31 -0.31 -4.37 2.72
CA GLU A 31 0.14 -5.77 2.69
C GLU A 31 -1.05 -6.73 2.85
N GLU A 32 -2.07 -6.29 3.62
CA GLU A 32 -3.35 -7.01 3.73
C GLU A 32 -4.06 -7.04 2.36
N VAL A 33 -4.18 -5.86 1.73
CA VAL A 33 -4.84 -5.70 0.42
C VAL A 33 -4.04 -6.43 -0.70
N LEU A 34 -2.71 -6.46 -0.54
CA LEU A 34 -1.78 -7.14 -1.47
C LEU A 34 -1.99 -8.66 -1.41
N LYS A 35 -2.13 -9.17 -0.17
CA LYS A 35 -2.40 -10.60 0.10
C LYS A 35 -3.78 -11.01 -0.46
N LYS A 36 -4.78 -10.16 -0.19
CA LYS A 36 -6.18 -10.41 -0.55
C LYS A 36 -6.44 -10.17 -2.04
N ASN A 37 -5.54 -9.40 -2.68
CA ASN A 37 -5.68 -8.94 -4.08
C ASN A 37 -6.99 -8.15 -4.22
N GLN A 38 -6.98 -6.88 -3.77
CA GLN A 38 -8.19 -6.04 -3.69
C GLN A 38 -7.89 -4.60 -4.21
N PRO A 39 -8.95 -3.79 -4.58
CA PRO A 39 -8.79 -2.34 -4.81
C PRO A 39 -8.56 -1.57 -3.49
N VAL A 40 -7.39 -0.90 -3.36
CA VAL A 40 -7.07 -0.09 -2.17
C VAL A 40 -7.20 1.41 -2.49
N THR A 41 -8.06 2.09 -1.73
CA THR A 41 -8.32 3.52 -1.89
C THR A 41 -7.30 4.32 -1.06
N TRP A 42 -6.39 5.04 -1.79
CA TRP A 42 -5.33 5.86 -1.15
C TRP A 42 -5.89 7.24 -0.76
N ASN A 43 -7.18 7.49 -1.05
CA ASN A 43 -7.85 8.80 -0.87
C ASN A 43 -7.27 9.79 -1.89
N GLY A 44 -7.30 9.36 -3.17
CA GLY A 44 -6.72 10.09 -4.28
C GLY A 44 -6.51 9.19 -5.50
N THR A 45 -6.10 7.92 -5.25
CA THR A 45 -5.89 6.90 -6.31
C THR A 45 -6.18 5.48 -5.74
N THR A 46 -7.16 4.79 -6.35
CA THR A 46 -7.52 3.41 -5.96
C THR A 46 -6.73 2.39 -6.82
N TYR A 47 -5.68 1.80 -6.22
CA TYR A 47 -4.84 0.77 -6.87
C TYR A 47 -5.56 -0.60 -6.84
N THR A 48 -6.11 -1.01 -8.00
CA THR A 48 -6.91 -2.24 -8.13
C THR A 48 -6.01 -3.48 -8.30
N ASP A 49 -4.93 -3.31 -9.07
CA ASP A 49 -3.96 -4.38 -9.38
C ASP A 49 -2.95 -4.55 -8.22
N PRO A 50 -2.67 -5.81 -7.76
CA PRO A 50 -1.71 -6.09 -6.65
C PRO A 50 -0.30 -5.53 -6.93
N ASN A 51 0.12 -5.58 -8.20
CA ASN A 51 1.42 -5.05 -8.65
C ASN A 51 1.50 -3.51 -8.50
N GLU A 52 0.34 -2.84 -8.65
CA GLU A 52 0.23 -1.37 -8.47
C GLU A 52 0.16 -0.98 -6.98
N ILE A 53 -0.32 -1.92 -6.15
CA ILE A 53 -0.25 -1.77 -4.69
C ILE A 53 1.22 -1.94 -4.22
N LYS A 54 1.90 -2.91 -4.85
CA LYS A 54 3.25 -3.36 -4.46
C LYS A 54 4.34 -2.30 -4.82
N LYS A 55 4.13 -1.61 -5.96
CA LYS A 55 5.10 -0.61 -6.49
C LYS A 55 5.24 0.57 -5.49
N VAL A 56 4.10 0.99 -4.91
CA VAL A 56 4.05 2.10 -3.95
C VAL A 56 4.47 1.62 -2.54
N ILE A 57 4.22 0.32 -2.21
CA ILE A 57 4.73 -0.30 -0.95
C ILE A 57 6.27 -0.25 -0.93
N GLU A 58 6.89 -0.47 -2.11
CA GLU A 58 8.36 -0.42 -2.27
C GLU A 58 8.90 0.97 -1.93
N GLU A 59 8.17 2.01 -2.38
CA GLU A 59 8.52 3.43 -2.11
C GLU A 59 8.39 3.77 -0.62
N LEU A 60 7.49 3.08 0.08
CA LEU A 60 7.28 3.26 1.52
C LEU A 60 8.36 2.50 2.31
N ARG A 61 8.77 1.33 1.77
CA ARG A 61 9.88 0.51 2.31
C ARG A 61 11.23 1.23 2.09
N LYS A 62 11.29 2.05 1.04
CA LYS A 62 12.40 2.96 0.76
C LYS A 62 12.50 4.00 1.91
N SER A 63 11.33 4.43 2.41
CA SER A 63 11.25 5.41 3.51
C SER A 63 11.62 4.75 4.87
N MET A 64 11.65 3.40 4.90
CA MET A 64 12.06 2.63 6.08
C MET A 64 13.61 2.46 6.05
N HIS A 20 0.85 8.30 11.51
CA HIS A 20 1.29 9.68 11.79
C HIS A 20 2.77 9.83 11.45
N MET A 21 3.63 9.15 12.23
CA MET A 21 5.06 8.99 11.91
C MET A 21 5.36 7.50 11.67
N ASP A 22 4.45 6.63 12.17
CA ASP A 22 4.55 5.18 12.02
C ASP A 22 4.16 4.76 10.58
N VAL A 23 5.17 4.73 9.70
CA VAL A 23 4.99 4.36 8.28
C VAL A 23 4.83 2.83 8.16
N GLU A 24 5.37 2.10 9.15
CA GLU A 24 5.28 0.62 9.27
C GLU A 24 3.82 0.14 9.21
N GLU A 25 2.91 0.94 9.83
CA GLU A 25 1.45 0.67 9.84
C GLU A 25 0.89 0.66 8.42
N GLN A 26 1.24 1.72 7.65
CA GLN A 26 0.75 1.93 6.28
C GLN A 26 1.24 0.80 5.34
N ILE A 27 2.50 0.37 5.56
CA ILE A 27 3.11 -0.73 4.79
C ILE A 27 2.32 -2.02 5.03
N ARG A 28 2.11 -2.36 6.33
CA ARG A 28 1.36 -3.57 6.78
C ARG A 28 -0.09 -3.54 6.29
N ARG A 29 -0.65 -2.33 6.17
CA ARG A 29 -2.04 -2.10 5.77
C ARG A 29 -2.25 -2.57 4.32
N LEU A 30 -1.29 -2.18 3.49
CA LEU A 30 -1.29 -2.48 2.05
C LEU A 30 -0.78 -3.90 1.77
N GLU A 31 0.02 -4.45 2.72
CA GLU A 31 0.42 -5.87 2.70
C GLU A 31 -0.84 -6.74 2.76
N GLU A 32 -1.78 -6.36 3.64
CA GLU A 32 -3.05 -7.07 3.83
C GLU A 32 -3.96 -6.99 2.59
N VAL A 33 -3.97 -5.81 1.93
CA VAL A 33 -4.76 -5.59 0.70
C VAL A 33 -4.17 -6.42 -0.47
N LEU A 34 -2.84 -6.56 -0.47
CA LEU A 34 -2.07 -7.34 -1.46
C LEU A 34 -2.40 -8.84 -1.32
N LYS A 35 -2.41 -9.32 -0.06
CA LYS A 35 -2.73 -10.73 0.29
C LYS A 35 -4.19 -11.05 -0.05
N LYS A 36 -5.09 -10.09 0.20
CA LYS A 36 -6.54 -10.24 -0.03
C LYS A 36 -6.89 -9.98 -1.51
N ASN A 37 -5.91 -9.38 -2.26
CA ASN A 37 -6.01 -9.08 -3.71
C ASN A 37 -7.25 -8.19 -3.99
N GLN A 38 -7.26 -7.00 -3.36
CA GLN A 38 -8.38 -6.04 -3.47
C GLN A 38 -7.92 -4.71 -4.08
N PRO A 39 -8.82 -3.97 -4.82
CA PRO A 39 -8.53 -2.60 -5.29
C PRO A 39 -8.48 -1.61 -4.11
N VAL A 40 -7.32 -0.98 -3.88
CA VAL A 40 -7.12 -0.02 -2.76
C VAL A 40 -7.14 1.44 -3.28
N THR A 41 -8.06 2.23 -2.73
CA THR A 41 -8.11 3.68 -2.96
C THR A 41 -7.25 4.38 -1.89
N TRP A 42 -6.07 4.88 -2.32
CA TRP A 42 -5.07 5.52 -1.43
C TRP A 42 -5.37 7.04 -1.25
N ASN A 43 -6.63 7.45 -1.57
CA ASN A 43 -7.14 8.83 -1.42
C ASN A 43 -6.43 9.78 -2.43
N GLY A 44 -6.51 9.40 -3.72
CA GLY A 44 -5.87 10.14 -4.80
C GLY A 44 -5.77 9.28 -6.06
N THR A 45 -5.53 7.97 -5.87
CA THR A 45 -5.43 6.99 -6.96
C THR A 45 -5.93 5.62 -6.45
N THR A 46 -6.80 4.96 -7.25
CA THR A 46 -7.30 3.62 -6.94
C THR A 46 -6.43 2.56 -7.63
N TYR A 47 -5.48 2.00 -6.86
CA TYR A 47 -4.57 0.95 -7.31
C TYR A 47 -5.31 -0.40 -7.28
N THR A 48 -5.82 -0.84 -8.44
CA THR A 48 -6.68 -2.01 -8.57
C THR A 48 -5.86 -3.31 -8.64
N ASP A 49 -4.72 -3.25 -9.35
CA ASP A 49 -3.87 -4.42 -9.63
C ASP A 49 -2.98 -4.73 -8.40
N PRO A 50 -2.72 -6.04 -8.05
CA PRO A 50 -1.81 -6.43 -6.93
C PRO A 50 -0.40 -5.81 -7.04
N ASN A 51 0.13 -5.69 -8.28
CA ASN A 51 1.45 -5.09 -8.55
C ASN A 51 1.40 -3.57 -8.29
N GLU A 52 0.25 -2.94 -8.61
CA GLU A 52 0.00 -1.52 -8.30
C GLU A 52 -0.01 -1.28 -6.77
N ILE A 53 -0.55 -2.26 -6.00
CA ILE A 53 -0.58 -2.19 -4.53
C ILE A 53 0.86 -2.21 -3.98
N LYS A 54 1.71 -3.07 -4.57
CA LYS A 54 3.13 -3.18 -4.22
C LYS A 54 3.90 -1.88 -4.47
N LYS A 55 3.47 -1.10 -5.49
CA LYS A 55 4.06 0.22 -5.79
C LYS A 55 3.73 1.23 -4.68
N VAL A 56 2.54 1.12 -4.06
CA VAL A 56 2.12 2.02 -2.96
C VAL A 56 2.94 1.69 -1.69
N ILE A 57 3.12 0.38 -1.47
CA ILE A 57 3.98 -0.18 -0.41
C ILE A 57 5.42 0.33 -0.59
N GLU A 58 5.86 0.33 -1.86
CA GLU A 58 7.22 0.74 -2.27
C GLU A 58 7.48 2.20 -1.87
N GLU A 59 6.52 3.10 -2.15
CA GLU A 59 6.64 4.55 -1.88
C GLU A 59 6.90 4.83 -0.39
N LEU A 60 6.33 3.97 0.46
CA LEU A 60 6.41 4.10 1.91
C LEU A 60 7.73 3.54 2.46
N ARG A 61 8.02 2.25 2.15
CA ARG A 61 9.17 1.52 2.72
C ARG A 61 10.52 2.02 2.14
N LYS A 62 10.48 2.55 0.91
CA LYS A 62 11.66 3.17 0.24
C LYS A 62 12.02 4.48 0.97
N SER A 63 11.00 5.18 1.51
CA SER A 63 11.19 6.43 2.28
C SER A 63 11.64 6.13 3.73
N MET A 64 11.57 4.85 4.13
CA MET A 64 12.10 4.41 5.44
C MET A 64 13.55 3.91 5.24
N HIS A 20 5.25 12.25 14.05
CA HIS A 20 5.53 10.80 14.10
C HIS A 20 4.40 10.04 13.39
N MET A 21 4.48 9.97 12.05
CA MET A 21 3.55 9.16 11.23
C MET A 21 4.16 7.76 11.05
N ASP A 22 3.50 6.74 11.63
CA ASP A 22 3.97 5.35 11.63
C ASP A 22 3.98 4.78 10.21
N VAL A 23 5.19 4.46 9.72
CA VAL A 23 5.39 3.96 8.35
C VAL A 23 4.96 2.49 8.25
N GLU A 24 5.27 1.71 9.31
CA GLU A 24 5.00 0.25 9.37
C GLU A 24 3.51 -0.05 9.20
N GLU A 25 2.68 0.83 9.79
CA GLU A 25 1.22 0.76 9.71
C GLU A 25 0.70 1.01 8.28
N GLN A 26 1.36 1.93 7.55
CA GLN A 26 0.97 2.32 6.18
C GLN A 26 1.36 1.22 5.16
N ILE A 27 2.58 0.68 5.31
CA ILE A 27 3.09 -0.42 4.46
C ILE A 27 2.13 -1.62 4.60
N ARG A 28 1.90 -1.99 5.87
CA ARG A 28 1.01 -3.10 6.30
C ARG A 28 -0.44 -2.87 5.84
N ARG A 29 -0.85 -1.59 5.74
CA ARG A 29 -2.21 -1.19 5.35
C ARG A 29 -2.50 -1.61 3.92
N LEU A 30 -1.47 -1.51 3.08
CA LEU A 30 -1.53 -1.93 1.67
C LEU A 30 -1.26 -3.46 1.52
N GLU A 31 -0.29 -3.99 2.29
CA GLU A 31 0.16 -5.40 2.18
C GLU A 31 -0.98 -6.39 2.42
N GLU A 32 -1.80 -6.10 3.44
CA GLU A 32 -2.95 -6.93 3.80
C GLU A 32 -3.97 -7.00 2.64
N VAL A 33 -4.18 -5.84 1.96
CA VAL A 33 -5.14 -5.72 0.85
C VAL A 33 -4.59 -6.43 -0.42
N LEU A 34 -3.24 -6.39 -0.55
CA LEU A 34 -2.48 -7.06 -1.64
C LEU A 34 -2.73 -8.58 -1.61
N LYS A 35 -2.68 -9.14 -0.38
CA LYS A 35 -2.88 -10.58 -0.14
C LYS A 35 -4.26 -11.04 -0.65
N LYS A 36 -5.30 -10.25 -0.36
CA LYS A 36 -6.67 -10.54 -0.85
C LYS A 36 -6.85 -10.09 -2.31
N ASN A 37 -5.89 -9.27 -2.82
CA ASN A 37 -5.87 -8.75 -4.21
C ASN A 37 -7.11 -7.85 -4.46
N GLN A 38 -7.48 -7.07 -3.43
CA GLN A 38 -8.64 -6.15 -3.50
C GLN A 38 -8.19 -4.75 -3.98
N PRO A 39 -9.09 -3.99 -4.68
CA PRO A 39 -8.86 -2.55 -4.97
C PRO A 39 -8.83 -1.69 -3.70
N VAL A 40 -7.67 -1.07 -3.40
CA VAL A 40 -7.50 -0.17 -2.24
C VAL A 40 -7.47 1.30 -2.70
N THR A 41 -8.40 2.11 -2.17
CA THR A 41 -8.47 3.55 -2.45
C THR A 41 -7.58 4.29 -1.44
N TRP A 42 -6.42 4.76 -1.94
CA TRP A 42 -5.37 5.42 -1.12
C TRP A 42 -5.55 6.97 -1.13
N ASN A 43 -6.79 7.41 -1.47
CA ASN A 43 -7.21 8.84 -1.45
C ASN A 43 -6.54 9.62 -2.59
N GLY A 44 -6.70 9.12 -3.82
CA GLY A 44 -6.14 9.74 -5.01
C GLY A 44 -6.11 8.77 -6.18
N THR A 45 -5.81 7.50 -5.90
CA THR A 45 -5.83 6.40 -6.86
C THR A 45 -6.25 5.09 -6.15
N THR A 46 -7.17 4.35 -6.79
CA THR A 46 -7.62 3.04 -6.32
C THR A 46 -6.78 1.95 -7.02
N TYR A 47 -5.82 1.39 -6.28
CA TYR A 47 -4.90 0.35 -6.77
C TYR A 47 -5.61 -1.01 -6.77
N THR A 48 -6.16 -1.34 -7.94
CA THR A 48 -6.86 -2.59 -8.19
C THR A 48 -5.86 -3.76 -8.32
N ASP A 49 -4.75 -3.47 -8.99
CA ASP A 49 -3.69 -4.44 -9.32
C ASP A 49 -2.75 -4.62 -8.10
N PRO A 50 -2.31 -5.89 -7.77
CA PRO A 50 -1.44 -6.17 -6.59
C PRO A 50 -0.03 -5.54 -6.71
N ASN A 51 0.43 -5.32 -7.95
CA ASN A 51 1.76 -4.74 -8.23
C ASN A 51 1.71 -3.21 -8.13
N GLU A 52 0.52 -2.63 -8.41
CA GLU A 52 0.26 -1.18 -8.23
C GLU A 52 0.12 -0.85 -6.73
N ILE A 53 -0.39 -1.81 -5.95
CA ILE A 53 -0.39 -1.75 -4.47
C ILE A 53 1.08 -1.82 -3.97
N LYS A 54 1.82 -2.82 -4.48
CA LYS A 54 3.23 -3.10 -4.13
C LYS A 54 4.16 -1.92 -4.50
N LYS A 55 3.76 -1.19 -5.55
CA LYS A 55 4.49 -0.01 -6.04
C LYS A 55 4.58 1.09 -4.97
N VAL A 56 3.45 1.31 -4.28
CA VAL A 56 3.34 2.31 -3.21
C VAL A 56 3.91 1.74 -1.88
N ILE A 57 3.82 0.41 -1.71
CA ILE A 57 4.48 -0.31 -0.58
C ILE A 57 6.00 -0.08 -0.64
N GLU A 58 6.56 -0.05 -1.86
CA GLU A 58 7.98 0.23 -2.11
C GLU A 58 8.31 1.69 -1.71
N GLU A 59 7.42 2.64 -2.05
CA GLU A 59 7.58 4.07 -1.70
C GLU A 59 7.62 4.27 -0.17
N LEU A 60 6.72 3.54 0.52
CA LEU A 60 6.58 3.60 1.99
C LEU A 60 7.78 2.91 2.68
N ARG A 61 8.18 1.73 2.15
CA ARG A 61 9.34 0.97 2.67
C ARG A 61 10.65 1.76 2.50
N LYS A 62 10.73 2.52 1.40
CA LYS A 62 11.89 3.40 1.11
C LYS A 62 11.90 4.56 2.13
N SER A 63 10.68 5.00 2.51
CA SER A 63 10.47 6.13 3.44
C SER A 63 10.67 5.71 4.92
N MET A 64 10.90 4.38 5.19
CA MET A 64 10.92 3.78 6.55
C MET A 64 11.66 4.64 7.63
N HIS A 20 2.87 8.47 15.25
CA HIS A 20 4.02 9.40 15.45
C HIS A 20 4.83 9.51 14.14
N MET A 21 5.52 8.40 13.79
CA MET A 21 6.31 8.27 12.54
C MET A 21 6.16 6.82 11.99
N ASP A 22 5.68 5.92 12.88
CA ASP A 22 5.38 4.50 12.56
C ASP A 22 4.49 4.35 11.31
N VAL A 23 5.16 4.23 10.15
CA VAL A 23 4.50 4.05 8.84
C VAL A 23 4.30 2.55 8.55
N GLU A 24 4.99 1.70 9.36
CA GLU A 24 4.99 0.22 9.24
C GLU A 24 3.57 -0.36 9.17
N GLU A 25 2.68 0.24 9.97
CA GLU A 25 1.27 -0.18 10.09
C GLU A 25 0.48 0.19 8.81
N GLN A 26 0.81 1.36 8.23
CA GLN A 26 0.19 1.86 6.99
C GLN A 26 0.62 0.98 5.79
N ILE A 27 1.91 0.60 5.77
CA ILE A 27 2.49 -0.26 4.73
C ILE A 27 1.82 -1.64 4.79
N ARG A 28 1.72 -2.18 6.03
CA ARG A 28 1.16 -3.52 6.29
C ARG A 28 -0.34 -3.57 5.97
N ARG A 29 -1.00 -2.41 6.10
CA ARG A 29 -2.43 -2.27 5.77
C ARG A 29 -2.63 -2.34 4.25
N LEU A 30 -1.63 -1.87 3.49
CA LEU A 30 -1.63 -2.03 2.03
C LEU A 30 -1.18 -3.44 1.62
N GLU A 31 -0.31 -4.08 2.45
CA GLU A 31 0.22 -5.44 2.21
C GLU A 31 -0.88 -6.51 2.38
N GLU A 32 -1.79 -6.30 3.35
CA GLU A 32 -2.89 -7.24 3.63
C GLU A 32 -3.97 -7.16 2.53
N VAL A 33 -4.13 -5.94 1.95
CA VAL A 33 -5.07 -5.71 0.82
C VAL A 33 -4.42 -6.13 -0.51
N LEU A 34 -3.07 -6.11 -0.56
CA LEU A 34 -2.26 -6.65 -1.68
C LEU A 34 -2.45 -8.18 -1.73
N LYS A 35 -2.33 -8.80 -0.54
CA LYS A 35 -2.55 -10.23 -0.32
C LYS A 35 -4.01 -10.61 -0.62
N LYS A 36 -4.94 -9.70 -0.26
CA LYS A 36 -6.39 -9.88 -0.47
C LYS A 36 -6.77 -9.59 -1.95
N ASN A 37 -5.86 -8.85 -2.66
CA ASN A 37 -6.01 -8.46 -4.09
C ASN A 37 -7.24 -7.55 -4.31
N GLN A 38 -7.66 -6.83 -3.25
CA GLN A 38 -8.79 -5.88 -3.33
C GLN A 38 -8.31 -4.47 -3.74
N PRO A 39 -9.20 -3.68 -4.43
CA PRO A 39 -8.93 -2.26 -4.76
C PRO A 39 -8.86 -1.37 -3.49
N VAL A 40 -7.64 -0.87 -3.19
CA VAL A 40 -7.40 0.08 -2.08
C VAL A 40 -7.19 1.50 -2.64
N THR A 41 -7.97 2.47 -2.11
CA THR A 41 -7.86 3.88 -2.50
C THR A 41 -6.81 4.56 -1.60
N TRP A 42 -5.77 5.15 -2.23
CA TRP A 42 -4.65 5.79 -1.53
C TRP A 42 -4.82 7.34 -1.51
N ASN A 43 -6.09 7.80 -1.69
CA ASN A 43 -6.48 9.24 -1.67
C ASN A 43 -6.01 9.93 -2.97
N GLY A 44 -6.44 9.34 -4.10
CA GLY A 44 -6.11 9.86 -5.43
C GLY A 44 -6.29 8.81 -6.52
N THR A 45 -5.94 7.55 -6.19
CA THR A 45 -6.04 6.41 -7.12
C THR A 45 -6.42 5.13 -6.34
N THR A 46 -7.32 4.32 -6.93
CA THR A 46 -7.76 3.04 -6.35
C THR A 46 -6.98 1.88 -7.00
N TYR A 47 -5.88 1.48 -6.35
CA TYR A 47 -4.96 0.43 -6.84
C TYR A 47 -5.56 -0.96 -6.56
N THR A 48 -5.86 -1.71 -7.63
CA THR A 48 -6.59 -3.00 -7.54
C THR A 48 -5.63 -4.19 -7.57
N ASP A 49 -4.77 -4.19 -8.58
CA ASP A 49 -3.82 -5.28 -8.87
C ASP A 49 -2.61 -5.22 -7.91
N PRO A 50 -2.06 -6.40 -7.49
CA PRO A 50 -0.95 -6.48 -6.49
C PRO A 50 0.34 -5.74 -6.93
N ASN A 51 0.54 -5.58 -8.26
CA ASN A 51 1.74 -4.86 -8.81
C ASN A 51 1.58 -3.33 -8.62
N GLU A 52 0.32 -2.84 -8.74
CA GLU A 52 -0.01 -1.42 -8.50
C GLU A 52 0.20 -1.07 -7.04
N ILE A 53 -0.32 -1.95 -6.16
CA ILE A 53 -0.22 -1.79 -4.71
C ILE A 53 1.26 -1.96 -4.27
N LYS A 54 2.02 -2.82 -5.00
CA LYS A 54 3.45 -3.10 -4.73
C LYS A 54 4.30 -1.82 -4.87
N LYS A 55 3.98 -1.03 -5.89
CA LYS A 55 4.63 0.26 -6.13
C LYS A 55 4.40 1.22 -4.94
N VAL A 56 3.16 1.22 -4.43
CA VAL A 56 2.75 2.07 -3.29
C VAL A 56 3.41 1.60 -1.98
N ILE A 57 3.63 0.27 -1.88
CA ILE A 57 4.41 -0.35 -0.79
C ILE A 57 5.83 0.24 -0.81
N GLU A 58 6.43 0.26 -2.00
CA GLU A 58 7.81 0.74 -2.23
C GLU A 58 7.93 2.26 -1.97
N GLU A 59 6.84 3.02 -2.20
CA GLU A 59 6.80 4.47 -1.92
C GLU A 59 6.88 4.75 -0.41
N LEU A 60 6.36 3.80 0.40
CA LEU A 60 6.41 3.89 1.88
C LEU A 60 7.70 3.23 2.42
N ARG A 61 8.21 2.22 1.67
CA ARG A 61 9.50 1.55 1.96
C ARG A 61 10.69 2.45 1.53
N LYS A 62 10.36 3.50 0.75
CA LYS A 62 11.28 4.57 0.34
C LYS A 62 11.68 5.42 1.58
N SER A 63 10.89 5.33 2.66
CA SER A 63 11.19 5.97 3.95
C SER A 63 12.36 5.25 4.64
N MET A 64 12.46 3.91 4.46
CA MET A 64 13.55 3.08 5.02
C MET A 64 14.48 2.58 3.89
N HIS A 20 2.85 13.58 10.58
CA HIS A 20 3.72 12.38 10.63
C HIS A 20 3.02 11.22 11.38
N MET A 21 2.23 10.43 10.64
CA MET A 21 1.80 9.09 11.05
C MET A 21 2.76 8.10 10.40
N ASP A 22 3.40 7.27 11.21
CA ASP A 22 4.54 6.43 10.79
C ASP A 22 4.20 5.54 9.60
N VAL A 23 5.21 5.29 8.75
CA VAL A 23 5.05 4.63 7.46
C VAL A 23 4.75 3.13 7.65
N GLU A 24 5.20 2.60 8.81
CA GLU A 24 4.97 1.21 9.25
C GLU A 24 3.47 0.83 9.20
N GLU A 25 2.63 1.81 9.57
CA GLU A 25 1.17 1.68 9.55
C GLU A 25 0.68 1.51 8.09
N GLN A 26 1.14 2.40 7.20
CA GLN A 26 0.73 2.42 5.77
C GLN A 26 1.16 1.12 5.07
N ILE A 27 2.37 0.63 5.40
CA ILE A 27 2.90 -0.65 4.86
C ILE A 27 1.92 -1.77 5.24
N ARG A 28 1.62 -1.88 6.54
CA ARG A 28 0.79 -2.97 7.11
C ARG A 28 -0.67 -2.92 6.58
N ARG A 29 -1.18 -1.71 6.40
CA ARG A 29 -2.58 -1.47 5.97
C ARG A 29 -2.75 -1.75 4.47
N LEU A 30 -1.63 -1.80 3.73
CA LEU A 30 -1.63 -2.20 2.31
C LEU A 30 -1.07 -3.63 2.10
N GLU A 31 -0.32 -4.17 3.08
CA GLU A 31 0.24 -5.55 3.00
C GLU A 31 -0.87 -6.59 3.10
N GLU A 32 -1.85 -6.29 3.97
CA GLU A 32 -3.07 -7.11 4.09
C GLU A 32 -3.87 -7.10 2.78
N VAL A 33 -4.03 -5.90 2.19
CA VAL A 33 -4.75 -5.67 0.92
C VAL A 33 -4.04 -6.38 -0.25
N LEU A 34 -2.69 -6.37 -0.21
CA LEU A 34 -1.83 -6.95 -1.24
C LEU A 34 -1.93 -8.48 -1.21
N LYS A 35 -1.91 -9.04 0.01
CA LYS A 35 -2.01 -10.50 0.24
C LYS A 35 -3.39 -11.02 -0.22
N LYS A 36 -4.42 -10.16 -0.02
CA LYS A 36 -5.80 -10.42 -0.46
C LYS A 36 -5.99 -10.09 -1.97
N ASN A 37 -5.01 -9.37 -2.56
CA ASN A 37 -5.00 -8.98 -4.00
C ASN A 37 -6.15 -8.01 -4.34
N GLN A 38 -6.66 -7.30 -3.33
CA GLN A 38 -7.81 -6.38 -3.45
C GLN A 38 -7.38 -5.04 -4.05
N PRO A 39 -8.26 -4.38 -4.86
CA PRO A 39 -8.05 -2.99 -5.30
C PRO A 39 -8.35 -1.99 -4.15
N VAL A 40 -7.34 -1.16 -3.79
CA VAL A 40 -7.46 -0.19 -2.70
C VAL A 40 -7.65 1.23 -3.26
N THR A 41 -8.58 2.00 -2.65
CA THR A 41 -8.71 3.43 -2.92
C THR A 41 -7.95 4.17 -1.79
N TRP A 42 -6.86 4.87 -2.17
CA TRP A 42 -5.94 5.52 -1.22
C TRP A 42 -6.33 7.00 -0.98
N ASN A 43 -7.60 7.35 -1.32
CA ASN A 43 -8.17 8.71 -1.16
C ASN A 43 -7.40 9.71 -2.04
N GLY A 44 -7.31 9.37 -3.35
CA GLY A 44 -6.60 10.18 -4.33
C GLY A 44 -6.27 9.38 -5.59
N THR A 45 -5.91 8.09 -5.39
CA THR A 45 -5.67 7.15 -6.49
C THR A 45 -6.19 5.74 -6.10
N THR A 46 -7.02 5.15 -6.96
CA THR A 46 -7.54 3.78 -6.78
C THR A 46 -6.59 2.79 -7.45
N TYR A 47 -5.70 2.18 -6.65
CA TYR A 47 -4.76 1.16 -7.10
C TYR A 47 -5.53 -0.16 -7.33
N THR A 48 -5.84 -0.45 -8.61
CA THR A 48 -6.71 -1.58 -8.99
C THR A 48 -5.91 -2.86 -9.24
N ASP A 49 -4.75 -2.72 -9.88
CA ASP A 49 -3.84 -3.82 -10.19
C ASP A 49 -3.12 -4.24 -8.90
N PRO A 50 -2.90 -5.57 -8.61
CA PRO A 50 -2.18 -6.02 -7.39
C PRO A 50 -0.77 -5.39 -7.29
N ASN A 51 -0.10 -5.23 -8.46
CA ASN A 51 1.25 -4.64 -8.55
C ASN A 51 1.22 -3.11 -8.33
N GLU A 52 0.04 -2.49 -8.52
CA GLU A 52 -0.19 -1.06 -8.16
C GLU A 52 -0.15 -0.87 -6.62
N ILE A 53 -0.78 -1.82 -5.87
CA ILE A 53 -0.73 -1.79 -4.38
C ILE A 53 0.73 -2.03 -3.93
N LYS A 54 1.37 -3.05 -4.54
CA LYS A 54 2.77 -3.44 -4.24
C LYS A 54 3.76 -2.31 -4.64
N LYS A 55 3.38 -1.49 -5.62
CA LYS A 55 4.20 -0.33 -6.08
C LYS A 55 4.31 0.68 -4.93
N VAL A 56 3.17 0.98 -4.30
CA VAL A 56 3.12 1.90 -3.15
C VAL A 56 3.96 1.34 -2.00
N ILE A 57 3.70 0.05 -1.66
CA ILE A 57 4.38 -0.66 -0.58
C ILE A 57 5.91 -0.73 -0.83
N GLU A 58 6.30 -0.83 -2.10
CA GLU A 58 7.73 -0.89 -2.51
C GLU A 58 8.47 0.37 -2.03
N GLU A 59 7.80 1.52 -2.19
CA GLU A 59 8.31 2.83 -1.79
C GLU A 59 8.17 3.04 -0.26
N LEU A 60 7.12 2.43 0.33
CA LEU A 60 6.85 2.54 1.78
C LEU A 60 7.91 1.77 2.61
N ARG A 61 8.30 0.57 2.11
CA ARG A 61 9.36 -0.27 2.72
C ARG A 61 10.72 0.46 2.62
N LYS A 62 10.92 1.14 1.48
CA LYS A 62 12.08 2.03 1.27
C LYS A 62 12.09 3.17 2.31
N SER A 63 10.89 3.67 2.64
CA SER A 63 10.70 4.81 3.56
C SER A 63 10.76 4.39 5.05
N MET A 64 10.99 3.09 5.36
CA MET A 64 11.00 2.57 6.77
C MET A 64 12.02 3.34 7.67
N HIS A 20 2.87 9.80 14.12
CA HIS A 20 2.98 11.11 13.42
C HIS A 20 2.69 10.88 11.93
N MET A 21 3.70 10.35 11.22
CA MET A 21 3.60 9.93 9.83
C MET A 21 4.08 8.47 9.78
N ASP A 22 3.27 7.60 10.40
CA ASP A 22 3.60 6.18 10.60
C ASP A 22 3.56 5.44 9.26
N VAL A 23 4.74 5.33 8.62
CA VAL A 23 4.87 4.79 7.26
C VAL A 23 4.71 3.25 7.28
N GLU A 24 5.19 2.63 8.37
CA GLU A 24 5.15 1.15 8.55
C GLU A 24 3.69 0.65 8.52
N GLU A 25 2.81 1.39 9.22
CA GLU A 25 1.38 1.04 9.31
C GLU A 25 0.70 1.12 7.93
N GLN A 26 1.07 2.15 7.14
CA GLN A 26 0.53 2.37 5.78
C GLN A 26 0.89 1.19 4.85
N ILE A 27 2.16 0.72 4.98
CA ILE A 27 2.67 -0.45 4.24
C ILE A 27 1.84 -1.70 4.57
N ARG A 28 1.67 -1.97 5.88
CA ARG A 28 1.03 -3.22 6.37
C ARG A 28 -0.46 -3.27 6.00
N ARG A 29 -1.13 -2.11 6.03
CA ARG A 29 -2.57 -1.99 5.69
C ARG A 29 -2.81 -2.31 4.22
N LEU A 30 -1.88 -1.86 3.37
CA LEU A 30 -1.94 -2.09 1.93
C LEU A 30 -1.49 -3.51 1.57
N GLU A 31 -0.60 -4.11 2.40
CA GLU A 31 -0.14 -5.51 2.21
C GLU A 31 -1.27 -6.51 2.51
N GLU A 32 -2.16 -6.15 3.44
CA GLU A 32 -3.35 -6.96 3.77
C GLU A 32 -4.31 -7.02 2.57
N VAL A 33 -4.50 -5.86 1.90
CA VAL A 33 -5.38 -5.74 0.71
C VAL A 33 -4.71 -6.38 -0.52
N LEU A 34 -3.38 -6.28 -0.57
CA LEU A 34 -2.52 -6.83 -1.64
C LEU A 34 -2.63 -8.37 -1.65
N LYS A 35 -2.51 -8.96 -0.44
CA LYS A 35 -2.58 -10.41 -0.25
C LYS A 35 -4.00 -10.93 -0.47
N LYS A 36 -5.00 -10.11 -0.07
CA LYS A 36 -6.43 -10.40 -0.27
C LYS A 36 -6.84 -10.18 -1.74
N ASN A 37 -6.02 -9.39 -2.47
CA ASN A 37 -6.21 -9.05 -3.90
C ASN A 37 -7.54 -8.30 -4.08
N GLN A 38 -7.56 -7.04 -3.61
CA GLN A 38 -8.74 -6.16 -3.71
C GLN A 38 -8.31 -4.75 -4.18
N PRO A 39 -9.23 -4.00 -4.89
CA PRO A 39 -8.99 -2.57 -5.24
C PRO A 39 -9.14 -1.67 -3.98
N VAL A 40 -8.04 -1.04 -3.56
CA VAL A 40 -8.02 -0.16 -2.37
C VAL A 40 -7.98 1.31 -2.81
N THR A 41 -8.93 2.12 -2.30
CA THR A 41 -8.99 3.54 -2.57
C THR A 41 -8.12 4.28 -1.53
N TRP A 42 -7.00 4.82 -2.02
CA TRP A 42 -5.98 5.49 -1.19
C TRP A 42 -6.31 7.00 -0.99
N ASN A 43 -7.60 7.35 -1.24
CA ASN A 43 -8.14 8.72 -1.12
C ASN A 43 -7.46 9.65 -2.14
N GLY A 44 -7.48 9.19 -3.41
CA GLY A 44 -6.89 9.92 -4.53
C GLY A 44 -6.62 9.00 -5.71
N THR A 45 -6.18 7.76 -5.41
CA THR A 45 -5.93 6.71 -6.43
C THR A 45 -6.38 5.35 -5.88
N THR A 46 -7.31 4.69 -6.58
CA THR A 46 -7.73 3.31 -6.27
C THR A 46 -6.75 2.32 -6.91
N TYR A 47 -5.79 1.84 -6.10
CA TYR A 47 -4.80 0.83 -6.51
C TYR A 47 -5.48 -0.55 -6.61
N THR A 48 -5.79 -0.93 -7.85
CA THR A 48 -6.50 -2.17 -8.17
C THR A 48 -5.53 -3.35 -8.26
N ASP A 49 -4.43 -3.14 -9.03
CA ASP A 49 -3.39 -4.17 -9.25
C ASP A 49 -2.54 -4.36 -8.00
N PRO A 50 -2.36 -5.64 -7.50
CA PRO A 50 -1.43 -5.95 -6.40
C PRO A 50 0.02 -5.50 -6.68
N ASN A 51 0.42 -5.48 -7.98
CA ASN A 51 1.74 -5.00 -8.42
C ASN A 51 1.88 -3.47 -8.25
N GLU A 52 0.77 -2.73 -8.48
CA GLU A 52 0.69 -1.28 -8.24
C GLU A 52 0.77 -0.97 -6.74
N ILE A 53 0.19 -1.86 -5.92
CA ILE A 53 0.25 -1.75 -4.46
C ILE A 53 1.69 -2.04 -3.97
N LYS A 54 2.37 -3.04 -4.60
CA LYS A 54 3.81 -3.38 -4.34
C LYS A 54 4.71 -2.14 -4.53
N LYS A 55 4.42 -1.40 -5.60
CA LYS A 55 5.12 -0.17 -5.98
C LYS A 55 5.02 0.89 -4.86
N VAL A 56 3.82 0.98 -4.23
CA VAL A 56 3.57 1.90 -3.11
C VAL A 56 4.33 1.43 -1.84
N ILE A 57 4.28 0.12 -1.58
CA ILE A 57 4.99 -0.53 -0.44
C ILE A 57 6.50 -0.26 -0.55
N GLU A 58 7.03 -0.30 -1.79
CA GLU A 58 8.48 -0.18 -2.06
C GLU A 58 9.00 1.24 -1.73
N GLU A 59 8.26 2.26 -2.20
CA GLU A 59 8.63 3.69 -2.00
C GLU A 59 8.37 4.13 -0.54
N LEU A 60 7.54 3.36 0.17
CA LEU A 60 7.29 3.54 1.61
C LEU A 60 8.31 2.73 2.45
N ARG A 61 8.85 1.64 1.87
CA ARG A 61 9.76 0.71 2.58
C ARG A 61 11.11 1.38 2.84
N LYS A 62 11.61 2.15 1.86
CA LYS A 62 12.79 3.01 2.05
C LYS A 62 12.51 4.09 3.14
N SER A 63 11.25 4.54 3.17
CA SER A 63 10.80 5.64 4.04
C SER A 63 10.50 5.17 5.48
N MET A 64 10.44 3.84 5.73
CA MET A 64 10.17 3.32 7.10
C MET A 64 11.50 3.19 7.88
N HIS A 20 7.39 11.13 11.90
CA HIS A 20 7.04 10.85 13.33
C HIS A 20 5.97 9.76 13.43
N MET A 21 5.52 9.22 12.28
CA MET A 21 4.52 8.16 12.20
C MET A 21 5.20 6.86 11.76
N ASP A 22 4.92 5.76 12.48
CA ASP A 22 5.38 4.41 12.11
C ASP A 22 4.81 4.07 10.74
N VAL A 23 5.67 3.96 9.72
CA VAL A 23 5.24 3.68 8.35
C VAL A 23 5.04 2.15 8.14
N GLU A 24 5.57 1.32 9.06
CA GLU A 24 5.48 -0.15 8.99
C GLU A 24 4.00 -0.63 9.01
N GLU A 25 3.16 0.09 9.76
CA GLU A 25 1.71 -0.21 9.84
C GLU A 25 1.00 0.13 8.49
N GLN A 26 1.52 1.15 7.79
CA GLN A 26 1.01 1.60 6.47
C GLN A 26 1.36 0.55 5.40
N ILE A 27 2.66 0.17 5.40
CA ILE A 27 3.21 -0.92 4.56
C ILE A 27 2.36 -2.19 4.70
N ARG A 28 2.13 -2.57 5.97
CA ARG A 28 1.39 -3.78 6.35
C ARG A 28 -0.09 -3.68 5.97
N ARG A 29 -0.66 -2.46 6.05
CA ARG A 29 -2.10 -2.21 5.82
C ARG A 29 -2.46 -2.46 4.34
N LEU A 30 -1.61 -1.94 3.44
CA LEU A 30 -1.77 -2.14 2.00
C LEU A 30 -1.31 -3.55 1.58
N GLU A 31 -0.36 -4.15 2.36
CA GLU A 31 0.04 -5.57 2.18
C GLU A 31 -1.13 -6.52 2.55
N GLU A 32 -2.02 -6.08 3.45
CA GLU A 32 -3.25 -6.82 3.79
C GLU A 32 -4.19 -6.87 2.58
N VAL A 33 -4.41 -5.69 1.98
CA VAL A 33 -5.31 -5.50 0.81
C VAL A 33 -4.72 -6.20 -0.44
N LEU A 34 -3.39 -6.17 -0.55
CA LEU A 34 -2.60 -6.76 -1.65
C LEU A 34 -2.73 -8.28 -1.65
N LYS A 35 -2.48 -8.87 -0.46
CA LYS A 35 -2.53 -10.31 -0.24
C LYS A 35 -3.95 -10.84 -0.39
N LYS A 36 -4.93 -10.05 0.10
CA LYS A 36 -6.37 -10.34 0.00
C LYS A 36 -6.87 -10.13 -1.45
N ASN A 37 -6.05 -9.40 -2.24
CA ASN A 37 -6.25 -9.16 -3.68
C ASN A 37 -7.52 -8.31 -3.91
N GLN A 38 -7.55 -7.15 -3.25
CA GLN A 38 -8.68 -6.21 -3.28
C GLN A 38 -8.20 -4.83 -3.80
N PRO A 39 -9.11 -3.97 -4.35
CA PRO A 39 -8.76 -2.58 -4.73
C PRO A 39 -8.63 -1.65 -3.49
N VAL A 40 -7.47 -0.98 -3.34
CA VAL A 40 -7.25 0.04 -2.29
C VAL A 40 -7.29 1.44 -2.92
N THR A 41 -8.18 2.30 -2.40
CA THR A 41 -8.27 3.70 -2.84
C THR A 41 -7.35 4.56 -1.94
N TRP A 42 -6.26 5.04 -2.56
CA TRP A 42 -5.18 5.77 -1.86
C TRP A 42 -5.45 7.31 -1.85
N ASN A 43 -6.74 7.69 -2.08
CA ASN A 43 -7.19 9.10 -2.06
C ASN A 43 -6.57 9.87 -3.24
N GLY A 44 -6.83 9.36 -4.45
CA GLY A 44 -6.32 9.93 -5.70
C GLY A 44 -6.36 8.92 -6.82
N THR A 45 -6.07 7.64 -6.48
CA THR A 45 -6.12 6.50 -7.42
C THR A 45 -6.52 5.24 -6.65
N THR A 46 -7.48 4.48 -7.22
CA THR A 46 -7.87 3.15 -6.73
C THR A 46 -6.98 2.08 -7.41
N TYR A 47 -5.99 1.60 -6.65
CA TYR A 47 -5.06 0.54 -7.12
C TYR A 47 -5.73 -0.84 -6.99
N THR A 48 -6.27 -1.33 -8.12
CA THR A 48 -6.87 -2.68 -8.22
C THR A 48 -5.77 -3.74 -8.30
N ASP A 49 -4.77 -3.45 -9.14
CA ASP A 49 -3.61 -4.33 -9.39
C ASP A 49 -2.73 -4.42 -8.12
N PRO A 50 -2.51 -5.65 -7.55
CA PRO A 50 -1.71 -5.84 -6.30
C PRO A 50 -0.24 -5.39 -6.47
N ASN A 51 0.25 -5.44 -7.72
CA ASN A 51 1.60 -4.98 -8.08
C ASN A 51 1.70 -3.45 -7.97
N GLU A 52 0.64 -2.76 -8.42
CA GLU A 52 0.53 -1.29 -8.32
C GLU A 52 0.36 -0.85 -6.86
N ILE A 53 -0.28 -1.69 -6.04
CA ILE A 53 -0.38 -1.47 -4.58
C ILE A 53 1.02 -1.54 -3.96
N LYS A 54 1.81 -2.55 -4.40
CA LYS A 54 3.15 -2.83 -3.86
C LYS A 54 4.15 -1.69 -4.21
N LYS A 55 3.95 -1.02 -5.36
CA LYS A 55 4.82 0.09 -5.79
C LYS A 55 4.59 1.34 -4.90
N VAL A 56 3.35 1.51 -4.39
CA VAL A 56 3.03 2.52 -3.36
C VAL A 56 3.74 2.16 -2.04
N ILE A 57 3.70 0.85 -1.72
CA ILE A 57 4.34 0.27 -0.54
C ILE A 57 5.87 0.41 -0.61
N GLU A 58 6.44 0.47 -1.83
CA GLU A 58 7.88 0.71 -2.03
C GLU A 58 8.26 2.13 -1.58
N GLU A 59 7.36 3.08 -1.81
CA GLU A 59 7.53 4.48 -1.39
C GLU A 59 7.35 4.61 0.13
N LEU A 60 6.53 3.71 0.72
CA LEU A 60 6.31 3.65 2.19
C LEU A 60 7.56 3.06 2.90
N ARG A 61 8.05 1.90 2.38
CA ARG A 61 9.19 1.16 2.97
C ARG A 61 10.53 1.89 2.70
N LYS A 62 10.50 2.84 1.75
CA LYS A 62 11.62 3.75 1.46
C LYS A 62 12.04 4.51 2.74
N SER A 63 11.03 4.84 3.57
CA SER A 63 11.23 5.58 4.84
C SER A 63 12.02 4.75 5.88
N MET A 64 12.03 3.40 5.69
CA MET A 64 12.79 2.46 6.54
C MET A 64 14.05 1.98 5.77
N HIS A 20 1.80 13.15 15.98
CA HIS A 20 1.42 11.78 15.58
C HIS A 20 1.43 11.66 14.04
N MET A 21 2.34 10.83 13.53
CA MET A 21 2.40 10.42 12.11
C MET A 21 3.35 9.23 11.97
N ASP A 22 2.88 8.15 11.31
CA ASP A 22 3.72 7.00 10.96
C ASP A 22 3.34 6.50 9.56
N VAL A 23 4.21 5.67 8.98
CA VAL A 23 4.05 5.13 7.63
C VAL A 23 3.68 3.62 7.68
N GLU A 24 4.05 2.99 8.80
CA GLU A 24 4.06 1.51 8.94
C GLU A 24 2.68 0.87 8.78
N GLU A 25 1.65 1.50 9.35
CA GLU A 25 0.26 1.00 9.30
C GLU A 25 -0.31 1.11 7.86
N GLN A 26 0.11 2.16 7.12
CA GLN A 26 -0.28 2.34 5.70
C GLN A 26 0.30 1.20 4.84
N ILE A 27 1.60 0.90 5.08
CA ILE A 27 2.33 -0.20 4.40
C ILE A 27 1.62 -1.54 4.68
N ARG A 28 1.32 -1.76 5.98
CA ARG A 28 0.68 -3.00 6.48
C ARG A 28 -0.73 -3.18 5.87
N ARG A 29 -1.42 -2.04 5.63
CA ARG A 29 -2.76 -2.02 5.02
C ARG A 29 -2.69 -2.47 3.55
N LEU A 30 -1.60 -2.09 2.87
CA LEU A 30 -1.38 -2.42 1.45
C LEU A 30 -0.93 -3.89 1.29
N GLU A 31 -0.15 -4.38 2.28
CA GLU A 31 0.42 -5.74 2.25
C GLU A 31 -0.64 -6.82 2.54
N GLU A 32 -1.55 -6.52 3.50
CA GLU A 32 -2.64 -7.43 3.85
C GLU A 32 -3.67 -7.50 2.71
N VAL A 33 -3.91 -6.34 2.04
CA VAL A 33 -4.82 -6.22 0.89
C VAL A 33 -4.15 -6.73 -0.41
N LEU A 34 -2.80 -6.86 -0.39
CA LEU A 34 -2.03 -7.50 -1.47
C LEU A 34 -2.42 -8.99 -1.51
N LYS A 35 -2.41 -9.62 -0.33
CA LYS A 35 -2.73 -11.05 -0.15
C LYS A 35 -4.25 -11.28 -0.17
N LYS A 36 -5.01 -10.24 0.21
CA LYS A 36 -6.48 -10.27 0.17
C LYS A 36 -7.00 -10.10 -1.28
N ASN A 37 -6.18 -9.39 -2.08
CA ASN A 37 -6.46 -9.07 -3.49
C ASN A 37 -7.75 -8.26 -3.61
N GLN A 38 -7.68 -6.97 -3.26
CA GLN A 38 -8.82 -6.02 -3.36
C GLN A 38 -8.32 -4.63 -3.78
N PRO A 39 -9.19 -3.81 -4.49
CA PRO A 39 -8.86 -2.41 -4.80
C PRO A 39 -8.79 -1.53 -3.54
N VAL A 40 -7.59 -1.02 -3.23
CA VAL A 40 -7.33 -0.20 -2.03
C VAL A 40 -7.20 1.27 -2.43
N THR A 41 -7.93 2.15 -1.72
CA THR A 41 -7.89 3.59 -1.94
C THR A 41 -6.76 4.18 -1.09
N TRP A 42 -5.67 4.56 -1.76
CA TRP A 42 -4.41 5.00 -1.14
C TRP A 42 -4.41 6.54 -0.90
N ASN A 43 -5.60 7.17 -0.95
CA ASN A 43 -5.80 8.61 -0.73
C ASN A 43 -5.08 9.43 -1.83
N GLY A 44 -5.45 9.12 -3.08
CA GLY A 44 -4.85 9.73 -4.26
C GLY A 44 -5.14 8.92 -5.51
N THR A 45 -5.13 7.58 -5.36
CA THR A 45 -5.46 6.61 -6.41
C THR A 45 -5.93 5.29 -5.77
N THR A 46 -6.99 4.69 -6.33
CA THR A 46 -7.47 3.36 -5.93
C THR A 46 -6.75 2.28 -6.77
N TYR A 47 -5.73 1.65 -6.17
CA TYR A 47 -4.91 0.62 -6.83
C TYR A 47 -5.61 -0.75 -6.75
N THR A 48 -5.98 -1.28 -7.93
CA THR A 48 -6.72 -2.55 -8.07
C THR A 48 -5.75 -3.74 -8.23
N ASP A 49 -4.68 -3.51 -9.01
CA ASP A 49 -3.70 -4.56 -9.41
C ASP A 49 -2.64 -4.74 -8.31
N PRO A 50 -2.20 -6.02 -8.00
CA PRO A 50 -1.15 -6.31 -6.98
C PRO A 50 0.16 -5.53 -7.19
N ASN A 51 0.62 -5.41 -8.45
CA ASN A 51 1.89 -4.72 -8.79
C ASN A 51 1.75 -3.19 -8.63
N GLU A 52 0.53 -2.68 -8.88
CA GLU A 52 0.21 -1.25 -8.71
C GLU A 52 0.12 -0.88 -7.21
N ILE A 53 -0.41 -1.82 -6.39
CA ILE A 53 -0.44 -1.69 -4.92
C ILE A 53 1.00 -1.77 -4.37
N LYS A 54 1.79 -2.69 -4.96
CA LYS A 54 3.17 -2.97 -4.52
C LYS A 54 4.08 -1.78 -4.80
N LYS A 55 3.79 -1.03 -5.89
CA LYS A 55 4.55 0.18 -6.25
C LYS A 55 4.51 1.22 -5.11
N VAL A 56 3.31 1.45 -4.56
CA VAL A 56 3.12 2.40 -3.45
C VAL A 56 3.50 1.81 -2.10
N ILE A 57 3.57 0.46 -2.00
CA ILE A 57 4.24 -0.19 -0.84
C ILE A 57 5.72 0.21 -0.83
N GLU A 58 6.35 0.19 -2.03
CA GLU A 58 7.77 0.57 -2.22
C GLU A 58 8.01 2.05 -1.87
N GLU A 59 7.09 2.91 -2.33
CA GLU A 59 7.13 4.37 -2.09
C GLU A 59 7.02 4.70 -0.59
N LEU A 60 6.48 3.77 0.21
CA LEU A 60 6.37 3.92 1.67
C LEU A 60 7.53 3.22 2.43
N ARG A 61 7.86 1.98 2.01
CA ARG A 61 8.81 1.08 2.74
C ARG A 61 10.27 1.53 2.54
N LYS A 62 10.51 2.46 1.60
CA LYS A 62 11.82 3.10 1.39
C LYS A 62 12.29 3.83 2.68
N SER A 63 11.32 4.27 3.51
CA SER A 63 11.57 4.89 4.81
C SER A 63 12.01 3.84 5.85
N MET A 64 11.46 2.61 5.72
CA MET A 64 11.67 1.50 6.66
C MET A 64 12.85 0.62 6.19
N HIS A 20 4.78 13.03 15.47
CA HIS A 20 4.21 11.68 15.62
C HIS A 20 3.72 11.17 14.25
N MET A 21 4.60 10.43 13.54
CA MET A 21 4.32 9.87 12.21
C MET A 21 5.06 8.54 12.02
N ASP A 22 4.32 7.43 12.12
CA ASP A 22 4.79 6.09 11.75
C ASP A 22 4.19 5.74 10.38
N VAL A 23 4.97 5.02 9.55
CA VAL A 23 4.53 4.57 8.21
C VAL A 23 4.30 3.04 8.21
N GLU A 24 4.76 2.37 9.28
CA GLU A 24 4.76 0.89 9.41
C GLU A 24 3.37 0.26 9.17
N GLU A 25 2.31 0.91 9.73
CA GLU A 25 0.92 0.43 9.62
C GLU A 25 0.33 0.73 8.24
N GLN A 26 0.74 1.87 7.62
CA GLN A 26 0.31 2.23 6.25
C GLN A 26 0.79 1.15 5.27
N ILE A 27 2.08 0.82 5.39
CA ILE A 27 2.75 -0.26 4.65
C ILE A 27 2.00 -1.59 4.86
N ARG A 28 1.76 -1.92 6.15
CA ARG A 28 1.18 -3.22 6.57
C ARG A 28 -0.28 -3.39 6.11
N ARG A 29 -1.03 -2.27 6.06
CA ARG A 29 -2.44 -2.22 5.61
C ARG A 29 -2.50 -2.61 4.12
N LEU A 30 -1.53 -2.09 3.36
CA LEU A 30 -1.45 -2.32 1.91
C LEU A 30 -0.88 -3.73 1.61
N GLU A 31 -0.04 -4.27 2.51
CA GLU A 31 0.54 -5.63 2.39
C GLU A 31 -0.56 -6.71 2.46
N GLU A 32 -1.56 -6.44 3.32
CA GLU A 32 -2.75 -7.30 3.44
C GLU A 32 -3.58 -7.27 2.15
N VAL A 33 -3.81 -6.05 1.64
CA VAL A 33 -4.65 -5.80 0.45
C VAL A 33 -3.93 -6.27 -0.84
N LEU A 34 -2.58 -6.33 -0.80
CA LEU A 34 -1.73 -6.87 -1.89
C LEU A 34 -2.14 -8.32 -2.15
N LYS A 35 -2.01 -9.14 -1.09
CA LYS A 35 -2.30 -10.59 -1.12
C LYS A 35 -3.82 -10.82 -1.27
N LYS A 36 -4.62 -9.85 -0.81
CA LYS A 36 -6.09 -9.89 -0.91
C LYS A 36 -6.56 -9.51 -2.33
N ASN A 37 -5.68 -8.80 -3.08
CA ASN A 37 -5.90 -8.37 -4.49
C ASN A 37 -7.07 -7.36 -4.63
N GLN A 38 -7.52 -6.77 -3.51
CA GLN A 38 -8.69 -5.86 -3.51
C GLN A 38 -8.32 -4.43 -3.94
N PRO A 39 -9.31 -3.65 -4.46
CA PRO A 39 -9.17 -2.17 -4.63
C PRO A 39 -8.92 -1.47 -3.28
N VAL A 40 -7.81 -0.72 -3.18
CA VAL A 40 -7.50 0.11 -2.01
C VAL A 40 -7.38 1.58 -2.44
N THR A 41 -8.03 2.49 -1.69
CA THR A 41 -8.02 3.93 -1.96
C THR A 41 -6.76 4.54 -1.30
N TRP A 42 -5.77 4.88 -2.16
CA TRP A 42 -4.47 5.40 -1.73
C TRP A 42 -4.49 6.94 -1.69
N ASN A 43 -5.72 7.52 -1.66
CA ASN A 43 -5.97 8.97 -1.49
C ASN A 43 -5.51 9.75 -2.75
N GLY A 44 -5.96 9.26 -3.91
CA GLY A 44 -5.64 9.86 -5.20
C GLY A 44 -5.90 8.89 -6.35
N THR A 45 -5.58 7.61 -6.12
CA THR A 45 -5.84 6.52 -7.06
C THR A 45 -6.17 5.23 -6.29
N THR A 46 -7.25 4.55 -6.69
CA THR A 46 -7.68 3.29 -6.08
C THR A 46 -7.03 2.10 -6.83
N TYR A 47 -5.90 1.62 -6.27
CA TYR A 47 -5.10 0.53 -6.87
C TYR A 47 -5.75 -0.83 -6.62
N THR A 48 -6.24 -1.45 -7.69
CA THR A 48 -6.93 -2.76 -7.65
C THR A 48 -5.92 -3.90 -7.74
N ASP A 49 -4.94 -3.74 -8.66
CA ASP A 49 -3.96 -4.77 -9.00
C ASP A 49 -2.95 -4.96 -7.83
N PRO A 50 -2.65 -6.24 -7.42
CA PRO A 50 -1.70 -6.56 -6.32
C PRO A 50 -0.30 -5.92 -6.50
N ASN A 51 0.18 -5.82 -7.76
CA ASN A 51 1.53 -5.26 -8.07
C ASN A 51 1.52 -3.73 -8.02
N GLU A 52 0.36 -3.14 -8.40
CA GLU A 52 0.12 -1.68 -8.28
C GLU A 52 0.09 -1.25 -6.80
N ILE A 53 -0.47 -2.12 -5.94
CA ILE A 53 -0.46 -1.94 -4.49
C ILE A 53 0.97 -2.11 -3.95
N LYS A 54 1.68 -3.14 -4.45
CA LYS A 54 3.08 -3.46 -4.06
C LYS A 54 4.03 -2.27 -4.32
N LYS A 55 3.80 -1.61 -5.46
CA LYS A 55 4.55 -0.43 -5.90
C LYS A 55 4.42 0.70 -4.86
N VAL A 56 3.18 1.00 -4.47
CA VAL A 56 2.87 2.11 -3.54
C VAL A 56 3.21 1.78 -2.07
N ILE A 57 3.36 0.47 -1.78
CA ILE A 57 3.92 0.00 -0.49
C ILE A 57 5.38 0.45 -0.40
N GLU A 58 6.14 0.18 -1.46
CA GLU A 58 7.59 0.46 -1.52
C GLU A 58 7.87 1.98 -1.52
N GLU A 59 6.93 2.74 -2.12
CA GLU A 59 6.95 4.22 -2.11
C GLU A 59 6.77 4.77 -0.67
N LEU A 60 6.03 4.02 0.16
CA LEU A 60 5.86 4.34 1.59
C LEU A 60 6.99 3.74 2.45
N ARG A 61 7.66 2.67 1.94
CA ARG A 61 8.85 2.08 2.58
C ARG A 61 10.08 2.98 2.34
N LYS A 62 9.95 3.98 1.45
CA LYS A 62 10.95 5.06 1.29
C LYS A 62 11.06 5.89 2.60
N SER A 63 9.95 5.93 3.35
CA SER A 63 9.85 6.70 4.61
C SER A 63 10.54 6.00 5.80
N MET A 64 10.89 4.69 5.66
CA MET A 64 11.53 3.93 6.77
C MET A 64 13.04 4.30 6.90
N HIS A 20 0.39 10.84 15.96
CA HIS A 20 1.33 9.91 15.26
C HIS A 20 1.04 9.89 13.75
N MET A 21 1.83 10.67 12.97
CA MET A 21 1.81 10.61 11.49
C MET A 21 2.68 9.43 11.04
N ASP A 22 2.13 8.22 11.19
CA ASP A 22 2.84 6.95 10.96
C ASP A 22 2.80 6.56 9.48
N VAL A 23 3.86 5.87 9.04
CA VAL A 23 3.92 5.19 7.74
C VAL A 23 3.83 3.66 7.96
N GLU A 24 4.41 3.20 9.10
CA GLU A 24 4.60 1.76 9.42
C GLU A 24 3.30 0.92 9.32
N GLU A 25 2.25 1.40 9.99
CA GLU A 25 0.95 0.72 10.06
C GLU A 25 0.27 0.76 8.68
N GLN A 26 0.48 1.89 7.99
CA GLN A 26 -0.09 2.15 6.66
C GLN A 26 0.49 1.18 5.60
N ILE A 27 1.79 0.81 5.76
CA ILE A 27 2.45 -0.16 4.88
C ILE A 27 1.74 -1.52 5.03
N ARG A 28 1.61 -1.95 6.30
CA ARG A 28 1.00 -3.26 6.65
C ARG A 28 -0.49 -3.30 6.23
N ARG A 29 -1.12 -2.12 6.32
CA ARG A 29 -2.55 -1.90 6.05
C ARG A 29 -2.86 -2.11 4.56
N LEU A 30 -1.86 -1.81 3.70
CA LEU A 30 -1.94 -2.07 2.25
C LEU A 30 -1.37 -3.46 1.89
N GLU A 31 -0.47 -4.02 2.73
CA GLU A 31 0.18 -5.34 2.46
C GLU A 31 -0.78 -6.51 2.71
N GLU A 32 -1.75 -6.30 3.61
CA GLU A 32 -2.83 -7.28 3.84
C GLU A 32 -3.78 -7.28 2.63
N VAL A 33 -4.07 -6.08 2.08
CA VAL A 33 -4.91 -5.89 0.88
C VAL A 33 -4.15 -6.35 -0.39
N LEU A 34 -2.81 -6.25 -0.32
CA LEU A 34 -1.88 -6.71 -1.36
C LEU A 34 -1.98 -8.23 -1.50
N LYS A 35 -1.92 -8.93 -0.35
CA LYS A 35 -1.95 -10.40 -0.28
C LYS A 35 -3.40 -10.93 -0.50
N LYS A 36 -4.40 -10.06 -0.28
CA LYS A 36 -5.81 -10.32 -0.68
C LYS A 36 -6.02 -10.01 -2.18
N ASN A 37 -5.14 -9.15 -2.75
CA ASN A 37 -5.14 -8.74 -4.18
C ASN A 37 -6.40 -7.90 -4.54
N GLN A 38 -6.86 -7.08 -3.58
CA GLN A 38 -8.11 -6.30 -3.71
C GLN A 38 -7.85 -4.83 -4.10
N PRO A 39 -8.76 -4.19 -4.89
CA PRO A 39 -8.71 -2.73 -5.18
C PRO A 39 -8.83 -1.87 -3.91
N VAL A 40 -7.86 -0.95 -3.71
CA VAL A 40 -7.79 -0.05 -2.54
C VAL A 40 -7.49 1.39 -3.00
N THR A 41 -8.30 2.36 -2.52
CA THR A 41 -8.08 3.79 -2.80
C THR A 41 -7.18 4.38 -1.69
N TRP A 42 -5.99 4.82 -2.08
CA TRP A 42 -4.97 5.36 -1.14
C TRP A 42 -5.15 6.88 -0.86
N ASN A 43 -6.39 7.40 -1.11
CA ASN A 43 -6.76 8.81 -0.83
C ASN A 43 -6.05 9.76 -1.82
N GLY A 44 -6.24 9.45 -3.10
CA GLY A 44 -5.62 10.19 -4.20
C GLY A 44 -5.68 9.38 -5.49
N THR A 45 -5.50 8.05 -5.37
CA THR A 45 -5.54 7.11 -6.51
C THR A 45 -6.04 5.73 -6.03
N THR A 46 -6.90 5.08 -6.84
CA THR A 46 -7.41 3.73 -6.59
C THR A 46 -6.52 2.69 -7.30
N TYR A 47 -5.74 1.95 -6.51
CA TYR A 47 -4.85 0.88 -6.99
C TYR A 47 -5.62 -0.44 -7.05
N THR A 48 -5.87 -0.90 -8.28
CA THR A 48 -6.79 -2.00 -8.58
C THR A 48 -6.17 -3.38 -8.28
N ASP A 49 -5.05 -3.68 -8.98
CA ASP A 49 -4.42 -5.02 -8.97
C ASP A 49 -3.26 -5.08 -7.95
N PRO A 50 -2.84 -6.30 -7.48
CA PRO A 50 -1.73 -6.46 -6.50
C PRO A 50 -0.40 -5.82 -6.96
N ASN A 51 -0.10 -5.85 -8.27
CA ASN A 51 1.15 -5.24 -8.82
C ASN A 51 1.10 -3.70 -8.67
N GLU A 52 -0.12 -3.14 -8.76
CA GLU A 52 -0.38 -1.69 -8.58
C GLU A 52 -0.15 -1.29 -7.12
N ILE A 53 -0.53 -2.20 -6.20
CA ILE A 53 -0.33 -2.01 -4.75
C ILE A 53 1.17 -2.15 -4.38
N LYS A 54 1.87 -3.09 -5.08
CA LYS A 54 3.33 -3.33 -4.90
C LYS A 54 4.14 -2.05 -5.09
N LYS A 55 3.77 -1.30 -6.14
CA LYS A 55 4.34 0.02 -6.45
C LYS A 55 4.31 0.95 -5.22
N VAL A 56 3.14 0.96 -4.54
CA VAL A 56 2.89 1.83 -3.37
C VAL A 56 3.71 1.36 -2.17
N ILE A 57 3.75 0.02 -1.96
CA ILE A 57 4.47 -0.61 -0.82
C ILE A 57 5.95 -0.23 -0.87
N GLU A 58 6.54 -0.34 -2.08
CA GLU A 58 7.94 0.01 -2.34
C GLU A 58 8.23 1.48 -1.99
N GLU A 59 7.33 2.38 -2.42
CA GLU A 59 7.42 3.83 -2.12
C GLU A 59 7.27 4.11 -0.61
N LEU A 60 6.48 3.27 0.08
CA LEU A 60 6.29 3.36 1.54
C LEU A 60 7.52 2.81 2.29
N ARG A 61 8.22 1.83 1.68
CA ARG A 61 9.46 1.25 2.24
C ARG A 61 10.64 2.24 2.10
N LYS A 62 10.51 3.16 1.13
CA LYS A 62 11.48 4.25 0.89
C LYS A 62 11.50 5.29 2.04
N SER A 63 10.50 5.21 2.96
CA SER A 63 10.50 6.01 4.21
C SER A 63 11.77 5.71 5.05
N MET A 64 12.28 4.49 4.86
CA MET A 64 13.55 4.03 5.44
C MET A 64 14.68 4.31 4.41
N HIS A 20 6.18 11.84 14.03
CA HIS A 20 5.14 11.18 14.87
C HIS A 20 4.14 10.38 14.01
N MET A 21 4.55 10.00 12.79
CA MET A 21 3.75 9.15 11.87
C MET A 21 4.44 7.78 11.76
N ASP A 22 3.64 6.71 11.61
CA ASP A 22 4.16 5.33 11.50
C ASP A 22 3.95 4.81 10.08
N VAL A 23 5.06 4.62 9.36
CA VAL A 23 5.07 4.15 7.97
C VAL A 23 4.78 2.64 7.89
N GLU A 24 5.18 1.89 8.94
CA GLU A 24 5.03 0.42 9.00
C GLU A 24 3.55 0.02 8.96
N GLU A 25 2.69 0.84 9.60
CA GLU A 25 1.23 0.70 9.57
C GLU A 25 0.72 0.80 8.13
N GLN A 26 1.19 1.82 7.42
CA GLN A 26 0.78 2.09 6.03
C GLN A 26 1.15 0.92 5.11
N ILE A 27 2.37 0.40 5.30
CA ILE A 27 2.90 -0.74 4.53
C ILE A 27 2.03 -2.00 4.75
N ARG A 28 1.78 -2.34 6.03
CA ARG A 28 1.09 -3.60 6.41
C ARG A 28 -0.43 -3.54 6.13
N ARG A 29 -1.01 -2.33 6.13
CA ARG A 29 -2.42 -2.09 5.77
C ARG A 29 -2.61 -2.25 4.25
N LEU A 30 -1.54 -2.01 3.48
CA LEU A 30 -1.52 -2.28 2.04
C LEU A 30 -1.20 -3.76 1.76
N GLU A 31 -0.32 -4.37 2.59
CA GLU A 31 0.09 -5.78 2.45
C GLU A 31 -1.10 -6.75 2.59
N GLU A 32 -2.02 -6.42 3.51
CA GLU A 32 -3.22 -7.25 3.74
C GLU A 32 -4.19 -7.20 2.53
N VAL A 33 -4.29 -6.02 1.88
CA VAL A 33 -5.17 -5.80 0.70
C VAL A 33 -4.49 -6.35 -0.58
N LEU A 34 -3.14 -6.39 -0.53
CA LEU A 34 -2.27 -6.97 -1.59
C LEU A 34 -2.52 -8.50 -1.65
N LYS A 35 -2.56 -9.11 -0.46
CA LYS A 35 -2.82 -10.54 -0.25
C LYS A 35 -4.30 -10.85 -0.55
N LYS A 36 -5.19 -9.89 -0.21
CA LYS A 36 -6.63 -9.98 -0.49
C LYS A 36 -6.89 -9.83 -2.00
N ASN A 37 -5.94 -9.16 -2.71
CA ASN A 37 -6.00 -8.89 -4.16
C ASN A 37 -7.23 -8.04 -4.51
N GLN A 38 -7.56 -7.09 -3.62
CA GLN A 38 -8.70 -6.17 -3.78
C GLN A 38 -8.20 -4.75 -4.15
N PRO A 39 -9.10 -3.88 -4.76
CA PRO A 39 -8.79 -2.46 -5.02
C PRO A 39 -8.69 -1.64 -3.70
N VAL A 40 -7.51 -1.05 -3.46
CA VAL A 40 -7.29 -0.11 -2.36
C VAL A 40 -7.22 1.32 -2.94
N THR A 41 -8.05 2.22 -2.40
CA THR A 41 -7.98 3.64 -2.73
C THR A 41 -7.00 4.31 -1.74
N TRP A 42 -5.92 4.89 -2.28
CA TRP A 42 -4.82 5.48 -1.48
C TRP A 42 -5.06 6.99 -1.21
N ASN A 43 -6.33 7.42 -1.36
CA ASN A 43 -6.78 8.82 -1.17
C ASN A 43 -6.20 9.70 -2.29
N GLY A 44 -6.52 9.32 -3.53
CA GLY A 44 -6.04 10.02 -4.72
C GLY A 44 -6.14 9.15 -5.97
N THR A 45 -5.89 7.83 -5.79
CA THR A 45 -5.88 6.85 -6.89
C THR A 45 -6.29 5.45 -6.35
N THR A 46 -7.16 4.74 -7.09
CA THR A 46 -7.64 3.39 -6.72
C THR A 46 -6.81 2.30 -7.43
N TYR A 47 -5.86 1.71 -6.69
CA TYR A 47 -4.96 0.67 -7.19
C TYR A 47 -5.63 -0.71 -7.04
N THR A 48 -6.04 -1.31 -8.19
CA THR A 48 -6.78 -2.58 -8.23
C THR A 48 -5.85 -3.78 -8.12
N ASP A 49 -4.70 -3.70 -8.84
CA ASP A 49 -3.75 -4.80 -8.99
C ASP A 49 -2.88 -4.92 -7.71
N PRO A 50 -2.60 -6.17 -7.21
CA PRO A 50 -1.67 -6.39 -6.07
C PRO A 50 -0.25 -5.80 -6.33
N ASN A 51 0.21 -5.82 -7.62
CA ASN A 51 1.53 -5.27 -8.00
C ASN A 51 1.52 -3.74 -8.05
N GLU A 52 0.35 -3.14 -8.33
CA GLU A 52 0.16 -1.69 -8.15
C GLU A 52 0.37 -1.32 -6.68
N ILE A 53 -0.23 -2.14 -5.79
CA ILE A 53 -0.15 -1.95 -4.33
C ILE A 53 1.31 -2.11 -3.82
N LYS A 54 2.09 -2.98 -4.49
CA LYS A 54 3.53 -3.17 -4.17
C LYS A 54 4.32 -1.87 -4.41
N LYS A 55 4.01 -1.17 -5.51
CA LYS A 55 4.64 0.11 -5.86
C LYS A 55 4.20 1.26 -4.91
N VAL A 56 2.96 1.17 -4.42
CA VAL A 56 2.43 2.11 -3.41
C VAL A 56 3.16 1.92 -2.07
N ILE A 57 3.53 0.66 -1.80
CA ILE A 57 4.36 0.29 -0.65
C ILE A 57 5.82 0.75 -0.85
N GLU A 58 6.33 0.68 -2.11
CA GLU A 58 7.74 1.01 -2.45
C GLU A 58 8.17 2.40 -1.95
N GLU A 59 7.32 3.40 -2.21
CA GLU A 59 7.60 4.82 -1.83
C GLU A 59 7.66 5.00 -0.29
N LEU A 60 6.91 4.14 0.42
CA LEU A 60 6.80 4.17 1.89
C LEU A 60 8.02 3.47 2.53
N ARG A 61 8.26 2.20 2.14
CA ARG A 61 9.33 1.35 2.70
C ARG A 61 10.72 1.80 2.25
N LYS A 62 10.80 2.70 1.24
CA LYS A 62 12.08 3.25 0.76
C LYS A 62 12.73 4.17 1.83
N SER A 63 11.93 4.56 2.85
CA SER A 63 12.39 5.30 4.03
C SER A 63 13.30 4.44 4.94
N MET A 64 13.20 3.10 4.82
CA MET A 64 13.96 2.13 5.63
C MET A 64 14.83 1.21 4.73
N HIS A 20 6.64 10.19 16.26
CA HIS A 20 6.17 8.84 15.84
C HIS A 20 5.80 8.89 14.35
N MET A 21 6.67 8.31 13.51
CA MET A 21 6.52 8.26 12.04
C MET A 21 6.65 6.80 11.58
N ASP A 22 6.17 5.88 12.43
CA ASP A 22 6.22 4.44 12.18
C ASP A 22 5.27 4.09 11.03
N VAL A 23 5.83 4.10 9.80
CA VAL A 23 5.05 3.87 8.55
C VAL A 23 4.72 2.38 8.38
N GLU A 24 5.43 1.52 9.15
CA GLU A 24 5.29 0.05 9.12
C GLU A 24 3.83 -0.43 9.26
N GLU A 25 3.01 0.32 10.03
CA GLU A 25 1.59 0.00 10.24
C GLU A 25 0.73 0.32 9.01
N GLN A 26 1.08 1.41 8.28
CA GLN A 26 0.41 1.78 7.00
C GLN A 26 0.84 0.81 5.89
N ILE A 27 2.13 0.38 5.94
CA ILE A 27 2.69 -0.57 4.98
C ILE A 27 1.96 -1.92 5.08
N ARG A 28 1.81 -2.44 6.32
CA ARG A 28 1.14 -3.74 6.58
C ARG A 28 -0.38 -3.64 6.34
N ARG A 29 -0.93 -2.43 6.48
CA ARG A 29 -2.34 -2.16 6.17
C ARG A 29 -2.58 -2.25 4.65
N LEU A 30 -1.53 -2.00 3.85
CA LEU A 30 -1.55 -2.17 2.39
C LEU A 30 -1.03 -3.58 1.99
N GLU A 31 -0.27 -4.23 2.89
CA GLU A 31 0.25 -5.61 2.66
C GLU A 31 -0.89 -6.64 2.76
N GLU A 32 -1.90 -6.36 3.62
CA GLU A 32 -3.10 -7.21 3.70
C GLU A 32 -3.94 -7.05 2.42
N VAL A 33 -3.98 -5.80 1.88
CA VAL A 33 -4.69 -5.48 0.62
C VAL A 33 -3.98 -6.15 -0.58
N LEU A 34 -2.64 -6.21 -0.49
CA LEU A 34 -1.77 -6.90 -1.46
C LEU A 34 -2.04 -8.41 -1.40
N LYS A 35 -2.13 -8.94 -0.18
CA LYS A 35 -2.33 -10.38 0.09
C LYS A 35 -3.70 -10.83 -0.43
N LYS A 36 -4.72 -10.00 -0.18
CA LYS A 36 -6.11 -10.25 -0.59
C LYS A 36 -6.35 -9.83 -2.06
N ASN A 37 -5.41 -9.05 -2.62
CA ASN A 37 -5.49 -8.50 -4.02
C ASN A 37 -6.71 -7.56 -4.19
N GLN A 38 -7.15 -6.96 -3.07
CA GLN A 38 -8.35 -6.09 -3.05
C GLN A 38 -8.05 -4.69 -3.64
N PRO A 39 -9.08 -4.00 -4.23
CA PRO A 39 -8.93 -2.60 -4.71
C PRO A 39 -8.87 -1.59 -3.53
N VAL A 40 -7.75 -0.85 -3.43
CA VAL A 40 -7.57 0.22 -2.43
C VAL A 40 -7.53 1.59 -3.12
N THR A 41 -8.46 2.49 -2.76
CA THR A 41 -8.39 3.90 -3.17
C THR A 41 -7.57 4.64 -2.11
N TRP A 42 -6.32 4.97 -2.46
CA TRP A 42 -5.33 5.52 -1.52
C TRP A 42 -5.37 7.07 -1.53
N ASN A 43 -6.50 7.64 -2.01
CA ASN A 43 -6.76 9.11 -2.03
C ASN A 43 -5.97 9.79 -3.16
N GLY A 44 -6.21 9.33 -4.39
CA GLY A 44 -5.56 9.86 -5.59
C GLY A 44 -5.68 8.90 -6.76
N THR A 45 -5.60 7.60 -6.44
CA THR A 45 -5.75 6.50 -7.42
C THR A 45 -6.33 5.28 -6.69
N THR A 46 -7.21 4.52 -7.39
CA THR A 46 -7.72 3.23 -6.91
C THR A 46 -6.84 2.10 -7.45
N TYR A 47 -5.86 1.68 -6.64
CA TYR A 47 -4.92 0.60 -6.98
C TYR A 47 -5.64 -0.76 -6.84
N THR A 48 -6.22 -1.23 -7.97
CA THR A 48 -6.94 -2.52 -8.04
C THR A 48 -5.94 -3.67 -8.23
N ASP A 49 -5.01 -3.46 -9.17
CA ASP A 49 -3.98 -4.43 -9.56
C ASP A 49 -2.98 -4.64 -8.38
N PRO A 50 -2.60 -5.91 -8.05
CA PRO A 50 -1.62 -6.22 -6.95
C PRO A 50 -0.27 -5.48 -7.12
N ASN A 51 0.23 -5.37 -8.37
CA ASN A 51 1.52 -4.70 -8.66
C ASN A 51 1.41 -3.17 -8.46
N GLU A 52 0.19 -2.64 -8.64
CA GLU A 52 -0.12 -1.22 -8.36
C GLU A 52 -0.18 -0.96 -6.84
N ILE A 53 -0.63 -1.98 -6.06
CA ILE A 53 -0.69 -1.88 -4.57
C ILE A 53 0.75 -1.90 -3.99
N LYS A 54 1.58 -2.85 -4.47
CA LYS A 54 2.98 -3.02 -4.02
C LYS A 54 3.84 -1.81 -4.45
N LYS A 55 3.39 -1.11 -5.52
CA LYS A 55 4.00 0.16 -5.97
C LYS A 55 3.97 1.23 -4.86
N VAL A 56 2.83 1.30 -4.14
CA VAL A 56 2.63 2.24 -3.03
C VAL A 56 3.52 1.83 -1.84
N ILE A 57 3.51 0.51 -1.55
CA ILE A 57 4.30 -0.10 -0.46
C ILE A 57 5.80 0.20 -0.68
N GLU A 58 6.23 0.16 -1.95
CA GLU A 58 7.61 0.41 -2.40
C GLU A 58 8.05 1.84 -2.03
N GLU A 59 7.12 2.79 -2.25
CA GLU A 59 7.35 4.23 -1.99
C GLU A 59 7.33 4.56 -0.48
N LEU A 60 6.74 3.66 0.33
CA LEU A 60 6.70 3.80 1.80
C LEU A 60 8.00 3.26 2.44
N ARG A 61 8.41 2.03 2.02
CA ARG A 61 9.66 1.38 2.48
C ARG A 61 10.90 2.05 1.85
N LYS A 62 10.66 2.98 0.90
CA LYS A 62 11.70 3.86 0.32
C LYS A 62 12.43 4.67 1.43
N SER A 63 11.67 5.03 2.49
CA SER A 63 12.19 5.73 3.67
C SER A 63 13.09 4.81 4.53
N MET A 64 12.90 3.49 4.38
CA MET A 64 13.66 2.47 5.13
C MET A 64 14.86 1.95 4.30
N HIS A 20 6.41 13.41 12.30
CA HIS A 20 6.73 11.98 12.15
C HIS A 20 5.43 11.15 12.02
N MET A 21 5.07 10.76 10.80
CA MET A 21 3.95 9.83 10.54
C MET A 21 4.51 8.41 10.39
N ASP A 22 4.09 7.50 11.28
CA ASP A 22 4.58 6.12 11.32
C ASP A 22 4.06 5.32 10.09
N VAL A 23 4.93 5.19 9.10
CA VAL A 23 4.60 4.58 7.79
C VAL A 23 4.52 3.04 7.91
N GLU A 24 5.02 2.49 9.04
CA GLU A 24 4.87 1.07 9.41
C GLU A 24 3.39 0.63 9.33
N GLU A 25 2.50 1.51 9.82
CA GLU A 25 1.05 1.32 9.76
C GLU A 25 0.56 1.23 8.30
N GLN A 26 1.01 2.20 7.47
CA GLN A 26 0.57 2.32 6.06
C GLN A 26 0.93 1.06 5.26
N ILE A 27 2.20 0.65 5.38
CA ILE A 27 2.78 -0.48 4.64
C ILE A 27 2.03 -1.79 4.94
N ARG A 28 1.81 -2.09 6.24
CA ARG A 28 1.14 -3.35 6.67
C ARG A 28 -0.36 -3.36 6.29
N ARG A 29 -0.98 -2.16 6.33
CA ARG A 29 -2.40 -1.98 5.93
C ARG A 29 -2.58 -2.09 4.40
N LEU A 30 -1.47 -2.02 3.66
CA LEU A 30 -1.43 -2.26 2.21
C LEU A 30 -1.01 -3.72 1.90
N GLU A 31 -0.17 -4.32 2.78
CA GLU A 31 0.32 -5.72 2.66
C GLU A 31 -0.86 -6.71 2.66
N GLU A 32 -1.83 -6.44 3.56
CA GLU A 32 -3.06 -7.25 3.65
C GLU A 32 -3.89 -7.14 2.36
N VAL A 33 -4.04 -5.91 1.84
CA VAL A 33 -4.86 -5.63 0.63
C VAL A 33 -4.21 -6.28 -0.62
N LEU A 34 -2.87 -6.27 -0.61
CA LEU A 34 -2.02 -6.90 -1.64
C LEU A 34 -2.34 -8.40 -1.79
N LYS A 35 -2.32 -9.11 -0.65
CA LYS A 35 -2.49 -10.57 -0.60
C LYS A 35 -3.97 -10.95 -0.84
N LYS A 36 -4.88 -10.10 -0.35
CA LYS A 36 -6.34 -10.28 -0.49
C LYS A 36 -6.83 -9.83 -1.89
N ASN A 37 -5.94 -9.13 -2.64
CA ASN A 37 -6.13 -8.75 -4.06
C ASN A 37 -7.28 -7.73 -4.24
N GLN A 38 -7.59 -6.96 -3.18
CA GLN A 38 -8.67 -5.96 -3.21
C GLN A 38 -8.17 -4.65 -3.86
N PRO A 39 -9.05 -3.91 -4.62
CA PRO A 39 -8.75 -2.51 -5.04
C PRO A 39 -8.63 -1.57 -3.82
N VAL A 40 -7.46 -0.93 -3.64
CA VAL A 40 -7.23 0.00 -2.51
C VAL A 40 -7.29 1.46 -2.97
N THR A 41 -8.22 2.22 -2.40
CA THR A 41 -8.30 3.66 -2.61
C THR A 41 -7.40 4.34 -1.57
N TRP A 42 -6.28 4.90 -2.04
CA TRP A 42 -5.30 5.61 -1.20
C TRP A 42 -5.72 7.10 -1.02
N ASN A 43 -7.02 7.38 -1.28
CA ASN A 43 -7.66 8.70 -1.08
C ASN A 43 -7.15 9.70 -2.14
N GLY A 44 -7.27 9.29 -3.41
CA GLY A 44 -6.82 10.07 -4.56
C GLY A 44 -6.65 9.19 -5.79
N THR A 45 -6.16 7.95 -5.56
CA THR A 45 -5.99 6.94 -6.62
C THR A 45 -6.35 5.55 -6.07
N THR A 46 -7.16 4.78 -6.84
CA THR A 46 -7.50 3.38 -6.52
C THR A 46 -6.56 2.43 -7.30
N TYR A 47 -5.67 1.76 -6.55
CA TYR A 47 -4.74 0.75 -7.08
C TYR A 47 -5.43 -0.63 -7.05
N THR A 48 -5.95 -1.05 -8.21
CA THR A 48 -6.65 -2.34 -8.37
C THR A 48 -5.63 -3.47 -8.53
N ASP A 49 -4.62 -3.22 -9.38
CA ASP A 49 -3.58 -4.18 -9.73
C ASP A 49 -2.67 -4.44 -8.50
N PRO A 50 -2.46 -5.74 -8.09
CA PRO A 50 -1.69 -6.09 -6.88
C PRO A 50 -0.21 -5.66 -6.95
N ASN A 51 0.35 -5.64 -8.18
CA ASN A 51 1.74 -5.16 -8.40
C ASN A 51 1.84 -3.65 -8.13
N GLU A 52 0.76 -2.92 -8.47
CA GLU A 52 0.63 -1.46 -8.20
C GLU A 52 0.39 -1.18 -6.71
N ILE A 53 -0.26 -2.13 -6.02
CA ILE A 53 -0.41 -2.06 -4.55
C ILE A 53 0.98 -2.24 -3.90
N LYS A 54 1.77 -3.23 -4.39
CA LYS A 54 3.12 -3.51 -3.87
C LYS A 54 4.10 -2.38 -4.26
N LYS A 55 3.81 -1.68 -5.37
CA LYS A 55 4.59 -0.54 -5.85
C LYS A 55 4.46 0.64 -4.87
N VAL A 56 3.22 0.90 -4.39
CA VAL A 56 2.96 2.00 -3.43
C VAL A 56 3.41 1.60 -2.01
N ILE A 57 3.56 0.29 -1.76
CA ILE A 57 4.22 -0.23 -0.55
C ILE A 57 5.74 0.02 -0.63
N GLU A 58 6.30 -0.19 -1.83
CA GLU A 58 7.75 -0.14 -2.10
C GLU A 58 8.32 1.28 -1.90
N GLU A 59 7.57 2.28 -2.38
CA GLU A 59 7.98 3.71 -2.31
C GLU A 59 7.86 4.24 -0.86
N LEU A 60 7.06 3.55 -0.03
CA LEU A 60 6.97 3.82 1.41
C LEU A 60 8.12 3.11 2.16
N ARG A 61 8.43 1.88 1.68
CA ARG A 61 9.54 1.03 2.19
C ARG A 61 10.91 1.65 1.83
N LYS A 62 10.88 2.60 0.87
CA LYS A 62 12.05 3.38 0.42
C LYS A 62 12.72 4.13 1.60
N SER A 63 11.92 4.52 2.61
CA SER A 63 12.41 5.22 3.82
C SER A 63 13.29 4.30 4.68
N MET A 64 12.95 3.00 4.68
CA MET A 64 13.56 1.98 5.54
C MET A 64 14.94 1.54 4.96
N HIS A 20 8.59 10.11 15.59
CA HIS A 20 8.19 8.79 15.07
C HIS A 20 6.99 8.94 14.12
N MET A 21 7.26 8.84 12.81
CA MET A 21 6.20 8.75 11.79
C MET A 21 6.09 7.27 11.39
N ASP A 22 5.18 6.55 12.06
CA ASP A 22 4.97 5.11 11.84
C ASP A 22 4.41 4.85 10.43
N VAL A 23 5.33 4.52 9.51
CA VAL A 23 5.00 4.07 8.16
C VAL A 23 4.54 2.59 8.21
N GLU A 24 4.88 1.91 9.33
CA GLU A 24 4.49 0.50 9.62
C GLU A 24 2.99 0.24 9.38
N GLU A 25 2.13 1.14 9.89
CA GLU A 25 0.66 0.99 9.79
C GLU A 25 0.19 0.95 8.32
N GLN A 26 0.72 1.87 7.49
CA GLN A 26 0.29 2.02 6.09
C GLN A 26 0.96 0.95 5.18
N ILE A 27 2.15 0.46 5.58
CA ILE A 27 2.83 -0.65 4.89
C ILE A 27 2.00 -1.93 5.05
N ARG A 28 1.65 -2.27 6.31
CA ARG A 28 0.88 -3.48 6.68
C ARG A 28 -0.57 -3.41 6.14
N ARG A 29 -1.11 -2.18 6.06
CA ARG A 29 -2.47 -1.92 5.51
C ARG A 29 -2.50 -2.25 4.02
N LEU A 30 -1.43 -1.87 3.31
CA LEU A 30 -1.32 -2.11 1.86
C LEU A 30 -0.91 -3.56 1.56
N GLU A 31 -0.08 -4.16 2.44
CA GLU A 31 0.43 -5.54 2.27
C GLU A 31 -0.67 -6.58 2.51
N GLU A 32 -1.64 -6.25 3.39
CA GLU A 32 -2.82 -7.12 3.60
C GLU A 32 -3.74 -7.03 2.37
N VAL A 33 -3.92 -5.82 1.80
CA VAL A 33 -4.75 -5.61 0.58
C VAL A 33 -4.08 -6.28 -0.65
N LEU A 34 -2.74 -6.31 -0.63
CA LEU A 34 -1.89 -6.95 -1.65
C LEU A 34 -2.13 -8.48 -1.66
N LYS A 35 -1.94 -9.11 -0.50
CA LYS A 35 -1.99 -10.58 -0.34
C LYS A 35 -3.43 -11.11 -0.46
N LYS A 36 -4.36 -10.39 0.19
CA LYS A 36 -5.81 -10.69 0.18
C LYS A 36 -6.46 -10.30 -1.17
N ASN A 37 -5.70 -9.49 -1.96
CA ASN A 37 -6.00 -9.18 -3.38
C ASN A 37 -7.32 -8.40 -3.51
N GLN A 38 -7.27 -7.10 -3.18
CA GLN A 38 -8.43 -6.19 -3.22
C GLN A 38 -8.01 -4.83 -3.84
N PRO A 39 -8.97 -4.00 -4.34
CA PRO A 39 -8.68 -2.60 -4.72
C PRO A 39 -8.53 -1.68 -3.47
N VAL A 40 -7.41 -0.93 -3.39
CA VAL A 40 -7.16 0.05 -2.31
C VAL A 40 -7.36 1.48 -2.82
N THR A 41 -8.24 2.24 -2.15
CA THR A 41 -8.45 3.66 -2.43
C THR A 41 -7.47 4.49 -1.57
N TRP A 42 -6.44 5.03 -2.25
CA TRP A 42 -5.32 5.75 -1.59
C TRP A 42 -5.56 7.29 -1.57
N ASN A 43 -6.85 7.69 -1.76
CA ASN A 43 -7.33 9.09 -1.67
C ASN A 43 -6.77 9.94 -2.85
N GLY A 44 -7.02 9.46 -4.07
CA GLY A 44 -6.59 10.11 -5.30
C GLY A 44 -6.60 9.16 -6.46
N THR A 45 -6.21 7.90 -6.18
CA THR A 45 -6.21 6.80 -7.15
C THR A 45 -6.55 5.49 -6.42
N THR A 46 -7.53 4.74 -6.94
CA THR A 46 -7.84 3.39 -6.45
C THR A 46 -6.97 2.37 -7.22
N TYR A 47 -5.92 1.87 -6.54
CA TYR A 47 -5.01 0.86 -7.08
C TYR A 47 -5.66 -0.52 -6.98
N THR A 48 -6.31 -0.93 -8.08
CA THR A 48 -7.03 -2.22 -8.19
C THR A 48 -6.04 -3.38 -8.37
N ASP A 49 -5.00 -3.12 -9.20
CA ASP A 49 -3.95 -4.08 -9.52
C ASP A 49 -3.00 -4.23 -8.32
N PRO A 50 -2.70 -5.50 -7.87
CA PRO A 50 -1.78 -5.77 -6.73
C PRO A 50 -0.35 -5.30 -7.03
N ASN A 51 -0.03 -5.16 -8.34
CA ASN A 51 1.26 -4.64 -8.82
C ASN A 51 1.43 -3.17 -8.42
N GLU A 52 0.35 -2.41 -8.61
CA GLU A 52 0.31 -0.96 -8.33
C GLU A 52 0.16 -0.69 -6.83
N ILE A 53 -0.34 -1.69 -6.08
CA ILE A 53 -0.37 -1.64 -4.62
C ILE A 53 1.05 -1.86 -4.08
N LYS A 54 1.74 -2.90 -4.58
CA LYS A 54 3.12 -3.24 -4.16
C LYS A 54 4.09 -2.10 -4.56
N LYS A 55 3.74 -1.39 -5.64
CA LYS A 55 4.47 -0.21 -6.11
C LYS A 55 4.55 0.87 -5.01
N VAL A 56 3.37 1.24 -4.45
CA VAL A 56 3.26 2.28 -3.42
C VAL A 56 3.75 1.75 -2.05
N ILE A 57 3.71 0.41 -1.84
CA ILE A 57 4.31 -0.25 -0.65
C ILE A 57 5.83 -0.07 -0.64
N GLU A 58 6.44 -0.28 -1.83
CA GLU A 58 7.91 -0.34 -2.00
C GLU A 58 8.58 0.99 -1.62
N GLU A 59 7.90 2.09 -1.99
CA GLU A 59 8.36 3.45 -1.70
C GLU A 59 8.22 3.79 -0.20
N LEU A 60 7.35 3.04 0.49
CA LEU A 60 7.18 3.15 1.94
C LEU A 60 8.16 2.21 2.70
N ARG A 61 8.55 1.10 2.04
CA ARG A 61 9.52 0.14 2.60
C ARG A 61 10.90 0.79 2.76
N LYS A 62 11.30 1.59 1.74
CA LYS A 62 12.59 2.29 1.73
C LYS A 62 12.64 3.40 2.80
N SER A 63 11.46 3.83 3.29
CA SER A 63 11.33 4.89 4.29
C SER A 63 11.92 4.45 5.64
N MET A 64 11.85 3.14 5.94
CA MET A 64 12.39 2.55 7.19
C MET A 64 13.80 1.97 6.94
#